data_5TX7
#
_entry.id   5TX7
#
_cell.length_a   91.109
_cell.length_b   117.107
_cell.length_c   135.840
_cell.angle_alpha   90.000
_cell.angle_beta   90.000
_cell.angle_gamma   90.000
#
_symmetry.space_group_name_H-M   'C 2 2 21'
#
loop_
_entity.id
_entity.type
_entity.pdbx_description
1 polymer 'D-isomer specific 2-hydroxyacid dehydrogenase family protein'
2 non-polymer DI(HYDROXYETHYL)ETHER
3 non-polymer 'TRIETHYLENE GLYCOL'
4 water water
#
_entity_poly.entity_id   1
_entity_poly.type   'polypeptide(L)'
_entity_poly.pdbx_seq_one_letter_code
;SMRIVALDGYTLNPGDISWAPIEELGELVVHPRTPSDKIIERAAGAHVVLTNKVPLDMSALQALPGLRFVSVLATGYDKV
DVAAAGVLGIPVSNVPGYGTDSVAQHVFALLLELCRRTALHDHRIRAGAWTQSPDWCFWDSTQEELTGKTMGIVGFGNTG
RRVGRIANALGMNVIAYAPRSRFDPDYRPFEHVGLDELFTSADVVSLHCPLTPETEGLVDARRLASMRPGSYLINTARGP
LLDERAVAEALDSGRLAGAGLDVLSQEPPAADNPLLSAKNCLITPHLAWASRTARRTLMDSTAANIRSFIEGTPVNVVNA
AHLRTKG
;
_entity_poly.pdbx_strand_id   A,B
#
loop_
_chem_comp.id
_chem_comp.type
_chem_comp.name
_chem_comp.formula
PEG non-polymer DI(HYDROXYETHYL)ETHER 'C4 H10 O3'
PGE non-polymer 'TRIETHYLENE GLYCOL' 'C6 H14 O4'
#
# COMPACT_ATOMS: atom_id res chain seq x y z
N SER A 1 -4.84 -23.59 -38.24
CA SER A 1 -5.68 -24.78 -38.62
C SER A 1 -6.86 -24.97 -37.66
N MET A 2 -6.54 -24.83 -36.39
CA MET A 2 -7.51 -24.77 -35.30
C MET A 2 -8.06 -23.37 -35.09
N ARG A 3 -9.33 -23.26 -34.76
CA ARG A 3 -10.05 -22.01 -34.70
C ARG A 3 -10.37 -21.72 -33.24
N ILE A 4 -9.92 -20.57 -32.73
CA ILE A 4 -10.05 -20.19 -31.33
C ILE A 4 -10.82 -18.88 -31.22
N VAL A 5 -11.82 -18.81 -30.34
CA VAL A 5 -12.60 -17.59 -30.16
C VAL A 5 -12.62 -17.17 -28.68
N ALA A 6 -12.20 -15.92 -28.44
CA ALA A 6 -12.34 -15.29 -27.11
C ALA A 6 -13.60 -14.40 -27.11
N LEU A 7 -14.58 -14.78 -26.29
CA LEU A 7 -15.87 -14.10 -26.26
C LEU A 7 -15.86 -12.81 -25.44
N ASP A 8 -14.96 -12.70 -24.46
CA ASP A 8 -14.80 -11.44 -23.72
C ASP A 8 -13.37 -11.24 -23.30
N GLY A 9 -12.53 -10.87 -24.26
CA GLY A 9 -11.10 -10.74 -24.05
C GLY A 9 -10.61 -9.37 -23.58
N TYR A 10 -11.49 -8.38 -23.53
CA TYR A 10 -11.04 -7.03 -23.20
C TYR A 10 -10.46 -6.92 -21.78
N THR A 11 -11.18 -7.41 -20.78
CA THR A 11 -10.70 -7.40 -19.39
C THR A 11 -9.39 -8.17 -19.19
N LEU A 12 -9.18 -9.28 -19.91
CA LEU A 12 -7.86 -9.95 -19.86
C LEU A 12 -6.75 -9.12 -20.51
N ASN A 13 -7.04 -8.54 -21.68
CA ASN A 13 -6.03 -7.78 -22.44
C ASN A 13 -6.63 -6.55 -23.07
N PRO A 14 -6.67 -5.43 -22.32
CA PRO A 14 -7.14 -4.16 -22.86
C PRO A 14 -6.00 -3.37 -23.50
N GLY A 15 -5.18 -4.08 -24.30
CA GLY A 15 -4.11 -3.46 -25.08
C GLY A 15 -2.74 -3.40 -24.43
N ASP A 16 -2.56 -3.98 -23.23
CA ASP A 16 -1.29 -3.86 -22.50
C ASP A 16 -0.50 -5.16 -22.36
N ILE A 17 -1.07 -6.27 -22.80
CA ILE A 17 -0.36 -7.55 -22.86
C ILE A 17 -0.56 -8.07 -24.30
N SER A 18 -0.30 -9.35 -24.53
CA SER A 18 -0.24 -9.91 -25.87
C SER A 18 -1.00 -11.24 -25.95
N TRP A 19 -1.77 -11.41 -27.03
CA TRP A 19 -2.40 -12.69 -27.33
C TRP A 19 -1.42 -13.66 -28.00
N ALA A 20 -0.19 -13.24 -28.26
CA ALA A 20 0.78 -14.07 -29.00
C ALA A 20 0.87 -15.55 -28.56
N PRO A 21 0.85 -15.84 -27.25
CA PRO A 21 0.89 -17.26 -26.85
C PRO A 21 -0.29 -18.09 -27.35
N ILE A 22 -1.47 -17.48 -27.45
CA ILE A 22 -2.65 -18.14 -28.01
C ILE A 22 -2.58 -18.17 -29.56
N GLU A 23 -2.12 -17.08 -30.18
CA GLU A 23 -2.01 -16.99 -31.63
C GLU A 23 -1.05 -18.01 -32.27
N GLU A 24 -0.06 -18.48 -31.51
CA GLU A 24 0.82 -19.58 -31.95
C GLU A 24 0.10 -20.91 -32.18
N LEU A 25 -1.07 -21.10 -31.58
CA LEU A 25 -1.76 -22.40 -31.49
C LEU A 25 -2.98 -22.55 -32.40
N GLY A 26 -3.28 -21.52 -33.19
CA GLY A 26 -4.45 -21.54 -34.05
C GLY A 26 -4.80 -20.16 -34.55
N GLU A 27 -5.95 -20.06 -35.18
CA GLU A 27 -6.49 -18.81 -35.69
C GLU A 27 -7.36 -18.23 -34.60
N LEU A 28 -6.99 -17.07 -34.08
CA LEU A 28 -7.72 -16.45 -32.98
C LEU A 28 -8.58 -15.30 -33.44
N VAL A 29 -9.80 -15.22 -32.89
CA VAL A 29 -10.63 -14.04 -33.00
C VAL A 29 -10.94 -13.59 -31.58
N VAL A 30 -10.75 -12.30 -31.29
CA VAL A 30 -10.97 -11.76 -29.95
C VAL A 30 -12.07 -10.72 -29.98
N HIS A 31 -13.21 -11.04 -29.38
CA HIS A 31 -14.27 -10.07 -29.15
C HIS A 31 -14.06 -9.46 -27.77
N PRO A 32 -14.25 -8.15 -27.63
CA PRO A 32 -13.98 -7.51 -26.36
C PRO A 32 -14.97 -7.93 -25.28
N ARG A 33 -16.22 -8.09 -25.68
CA ARG A 33 -17.27 -8.69 -24.86
C ARG A 33 -18.35 -9.23 -25.79
N THR A 34 -19.23 -10.07 -25.25
CA THR A 34 -20.31 -10.66 -26.03
C THR A 34 -21.63 -10.65 -25.27
N PRO A 35 -22.63 -9.92 -25.77
CA PRO A 35 -23.99 -10.07 -25.14
C PRO A 35 -24.57 -11.45 -25.42
N SER A 36 -25.49 -11.87 -24.57
CA SER A 36 -26.09 -13.22 -24.59
C SER A 36 -26.68 -13.67 -25.94
N ASP A 37 -27.33 -12.74 -26.64
CA ASP A 37 -27.94 -13.04 -27.94
C ASP A 37 -26.95 -13.24 -29.09
N LYS A 38 -25.66 -12.95 -28.87
CA LYS A 38 -24.62 -13.06 -29.88
C LYS A 38 -23.64 -14.21 -29.63
N ILE A 39 -23.85 -15.00 -28.58
CA ILE A 39 -22.88 -16.05 -28.20
C ILE A 39 -22.75 -17.12 -29.28
N ILE A 40 -23.88 -17.62 -29.80
CA ILE A 40 -23.86 -18.70 -30.79
C ILE A 40 -23.23 -18.23 -32.11
N GLU A 41 -23.66 -17.06 -32.61
CA GLU A 41 -23.08 -16.43 -33.82
C GLU A 41 -21.55 -16.40 -33.80
N ARG A 42 -21.01 -15.87 -32.70
CA ARG A 42 -19.60 -15.61 -32.58
C ARG A 42 -18.79 -16.87 -32.32
N ALA A 43 -19.37 -17.79 -31.56
CA ALA A 43 -18.71 -19.05 -31.22
C ALA A 43 -18.80 -20.10 -32.33
N ALA A 44 -19.71 -19.90 -33.28
CA ALA A 44 -19.91 -20.85 -34.37
C ALA A 44 -18.62 -21.10 -35.16
N GLY A 45 -18.35 -22.37 -35.43
CA GLY A 45 -17.13 -22.80 -36.12
C GLY A 45 -15.88 -22.98 -35.27
N ALA A 46 -15.93 -22.57 -33.99
CA ALA A 46 -14.75 -22.60 -33.13
C ALA A 46 -14.51 -23.98 -32.53
N HIS A 47 -13.26 -24.45 -32.62
CA HIS A 47 -12.80 -25.65 -31.93
C HIS A 47 -12.66 -25.37 -30.43
N VAL A 48 -12.15 -24.17 -30.11
CA VAL A 48 -11.85 -23.74 -28.74
C VAL A 48 -12.52 -22.41 -28.44
N VAL A 49 -13.24 -22.34 -27.33
CA VAL A 49 -13.84 -21.10 -26.87
C VAL A 49 -13.17 -20.67 -25.56
N LEU A 50 -12.81 -19.38 -25.48
CA LEU A 50 -12.29 -18.78 -24.24
C LEU A 50 -13.35 -17.83 -23.68
N THR A 51 -13.69 -18.02 -22.41
CA THR A 51 -14.66 -17.19 -21.72
C THR A 51 -14.12 -16.82 -20.35
N ASN A 52 -14.29 -15.57 -19.96
CA ASN A 52 -14.05 -15.14 -18.60
C ASN A 52 -15.40 -15.22 -17.87
N LYS A 53 -16.33 -14.35 -18.23
CA LYS A 53 -17.64 -14.29 -17.58
C LYS A 53 -18.81 -14.46 -18.56
N VAL A 54 -18.54 -14.79 -19.82
CA VAL A 54 -19.63 -15.06 -20.77
C VAL A 54 -20.23 -16.43 -20.43
N PRO A 55 -21.54 -16.48 -20.20
CA PRO A 55 -22.15 -17.75 -19.75
C PRO A 55 -22.29 -18.78 -20.86
N LEU A 56 -22.09 -20.05 -20.54
CA LEU A 56 -22.32 -21.16 -21.47
C LEU A 56 -23.14 -22.25 -20.79
N ASP A 57 -24.39 -22.38 -21.22
CA ASP A 57 -25.33 -23.37 -20.69
C ASP A 57 -25.44 -24.56 -21.66
N MET A 58 -26.32 -25.52 -21.35
CA MET A 58 -26.54 -26.70 -22.21
C MET A 58 -26.98 -26.33 -23.62
N SER A 59 -27.87 -25.35 -23.71
CA SER A 59 -28.48 -24.97 -24.98
C SER A 59 -27.46 -24.30 -25.91
N ALA A 60 -26.59 -23.45 -25.39
CA ALA A 60 -25.48 -22.87 -26.17
C ALA A 60 -24.45 -23.92 -26.61
N LEU A 61 -24.08 -24.82 -25.69
CA LEU A 61 -23.10 -25.89 -25.97
C LEU A 61 -23.58 -26.88 -27.05
N GLN A 62 -24.85 -27.27 -27.00
CA GLN A 62 -25.44 -28.12 -28.07
C GLN A 62 -25.62 -27.43 -29.42
N ALA A 63 -25.70 -26.11 -29.42
CA ALA A 63 -25.77 -25.31 -30.67
C ALA A 63 -24.39 -25.01 -31.25
N LEU A 64 -23.33 -25.57 -30.62
CA LEU A 64 -21.95 -25.46 -31.12
C LEU A 64 -21.35 -26.87 -31.26
N PRO A 65 -21.84 -27.67 -32.23
CA PRO A 65 -21.34 -29.05 -32.35
C PRO A 65 -19.86 -29.15 -32.71
N GLY A 66 -19.31 -28.09 -33.31
CA GLY A 66 -17.88 -28.00 -33.55
C GLY A 66 -17.02 -27.83 -32.32
N LEU A 67 -17.62 -27.39 -31.20
CA LEU A 67 -16.86 -27.01 -30.01
C LEU A 67 -16.23 -28.23 -29.36
N ARG A 68 -14.90 -28.21 -29.26
CA ARG A 68 -14.15 -29.33 -28.68
C ARG A 68 -13.49 -29.01 -27.33
N PHE A 69 -13.30 -27.74 -26.98
CA PHE A 69 -12.61 -27.39 -25.73
C PHE A 69 -12.93 -25.98 -25.24
N VAL A 70 -13.23 -25.87 -23.95
CA VAL A 70 -13.45 -24.56 -23.32
C VAL A 70 -12.37 -24.29 -22.28
N SER A 71 -11.71 -23.14 -22.38
CA SER A 71 -10.83 -22.70 -21.31
C SER A 71 -11.39 -21.43 -20.70
N VAL A 72 -11.50 -21.43 -19.37
CA VAL A 72 -12.06 -20.31 -18.64
C VAL A 72 -10.93 -19.43 -18.12
N LEU A 73 -11.06 -18.13 -18.37
CA LEU A 73 -10.02 -17.12 -18.10
C LEU A 73 -10.18 -16.59 -16.68
N ALA A 74 -10.12 -17.51 -15.73
CA ALA A 74 -10.42 -17.26 -14.34
C ALA A 74 -10.20 -18.55 -13.57
N THR A 75 -10.22 -18.46 -12.26
CA THR A 75 -10.24 -19.63 -11.39
C THR A 75 -11.69 -20.13 -11.24
N GLY A 76 -12.61 -19.18 -11.15
CA GLY A 76 -14.03 -19.49 -11.08
C GLY A 76 -14.63 -19.75 -12.44
N TYR A 77 -15.62 -20.64 -12.46
CA TYR A 77 -16.30 -21.06 -13.69
C TYR A 77 -17.81 -21.20 -13.42
N ASP A 78 -18.35 -20.34 -12.53
CA ASP A 78 -19.72 -20.50 -12.03
C ASP A 78 -20.77 -20.26 -13.12
N LYS A 79 -20.43 -19.47 -14.14
CA LYS A 79 -21.31 -19.19 -15.29
C LYS A 79 -21.21 -20.21 -16.45
N VAL A 80 -20.38 -21.23 -16.29
CA VAL A 80 -20.24 -22.30 -17.28
C VAL A 80 -20.82 -23.59 -16.74
N ASP A 81 -21.83 -24.14 -17.40
CA ASP A 81 -22.38 -25.44 -17.03
C ASP A 81 -21.41 -26.54 -17.48
N VAL A 82 -20.39 -26.77 -16.65
CA VAL A 82 -19.30 -27.68 -17.01
C VAL A 82 -19.74 -29.15 -17.00
N ALA A 83 -20.80 -29.45 -16.26
CA ALA A 83 -21.41 -30.80 -16.29
C ALA A 83 -22.03 -31.09 -17.68
N ALA A 84 -22.80 -30.15 -18.19
CA ALA A 84 -23.35 -30.27 -19.54
C ALA A 84 -22.24 -30.40 -20.59
N ALA A 85 -21.19 -29.61 -20.44
CA ALA A 85 -20.03 -29.73 -21.31
C ALA A 85 -19.43 -31.14 -21.27
N GLY A 86 -19.32 -31.70 -20.07
CA GLY A 86 -18.78 -33.04 -19.88
C GLY A 86 -19.54 -34.11 -20.66
N VAL A 87 -20.87 -34.13 -20.49
CA VAL A 87 -21.71 -35.17 -21.12
C VAL A 87 -21.68 -35.08 -22.65
N LEU A 88 -21.50 -33.87 -23.18
CA LEU A 88 -21.25 -33.63 -24.61
C LEU A 88 -19.79 -33.90 -25.03
N GLY A 89 -18.94 -34.31 -24.09
CA GLY A 89 -17.54 -34.65 -24.37
C GLY A 89 -16.61 -33.47 -24.55
N ILE A 90 -16.90 -32.35 -23.88
CA ILE A 90 -16.11 -31.13 -23.96
C ILE A 90 -15.40 -30.92 -22.62
N PRO A 91 -14.07 -31.13 -22.56
CA PRO A 91 -13.30 -30.75 -21.37
C PRO A 91 -13.36 -29.26 -21.12
N VAL A 92 -13.47 -28.86 -19.86
CA VAL A 92 -13.44 -27.45 -19.48
C VAL A 92 -12.25 -27.28 -18.55
N SER A 93 -11.36 -26.37 -18.90
CA SER A 93 -10.22 -26.04 -18.04
C SER A 93 -10.36 -24.64 -17.44
N ASN A 94 -9.80 -24.46 -16.24
CA ASN A 94 -9.64 -23.12 -15.64
C ASN A 94 -8.17 -22.80 -15.41
N VAL A 95 -7.88 -21.69 -14.73
CA VAL A 95 -6.53 -21.32 -14.35
C VAL A 95 -6.49 -20.97 -12.86
N PRO A 96 -6.05 -21.90 -12.00
CA PRO A 96 -5.83 -21.54 -10.60
C PRO A 96 -4.48 -20.85 -10.38
N GLY A 97 -4.39 -20.04 -9.33
CA GLY A 97 -3.11 -19.47 -8.87
C GLY A 97 -2.53 -18.26 -9.60
N TYR A 98 -3.12 -17.84 -10.71
CA TYR A 98 -2.59 -16.73 -11.50
C TYR A 98 -2.52 -15.40 -10.73
N GLY A 99 -3.44 -15.18 -9.80
CA GLY A 99 -3.63 -13.89 -9.17
C GLY A 99 -3.35 -13.83 -7.66
N THR A 100 -2.60 -14.80 -7.16
CA THR A 100 -2.27 -14.86 -5.73
C THR A 100 -1.63 -13.58 -5.22
N ASP A 101 -0.62 -13.12 -5.93
CA ASP A 101 0.09 -11.91 -5.52
C ASP A 101 -0.71 -10.64 -5.80
N SER A 102 -1.44 -10.62 -6.92
CA SER A 102 -2.29 -9.49 -7.26
C SER A 102 -3.30 -9.25 -6.13
N VAL A 103 -3.96 -10.33 -5.69
CA VAL A 103 -5.01 -10.22 -4.68
C VAL A 103 -4.47 -9.85 -3.31
N ALA A 104 -3.46 -10.60 -2.85
CA ALA A 104 -2.80 -10.30 -1.57
C ALA A 104 -2.30 -8.85 -1.47
N GLN A 105 -1.65 -8.36 -2.51
CA GLN A 105 -1.26 -6.96 -2.55
C GLN A 105 -2.43 -5.97 -2.56
N HIS A 106 -3.56 -6.35 -3.16
CA HIS A 106 -4.73 -5.46 -3.13
C HIS A 106 -5.33 -5.32 -1.70
N VAL A 107 -5.25 -6.41 -0.91
CA VAL A 107 -5.65 -6.37 0.51
C VAL A 107 -4.90 -5.22 1.24
N PHE A 108 -3.59 -5.14 0.99
CA PHE A 108 -2.76 -4.10 1.57
C PHE A 108 -2.88 -2.71 0.92
N ALA A 109 -3.21 -2.65 -0.37
CA ALA A 109 -3.54 -1.38 -0.99
C ALA A 109 -4.81 -0.79 -0.34
N LEU A 110 -5.82 -1.62 -0.14
CA LEU A 110 -7.06 -1.15 0.54
C LEU A 110 -6.78 -0.76 2.01
N LEU A 111 -6.08 -1.63 2.72
CA LEU A 111 -5.82 -1.43 4.14
C LEU A 111 -4.95 -0.20 4.44
N LEU A 112 -3.92 0.02 3.64
CA LEU A 112 -3.04 1.16 3.83
C LEU A 112 -3.66 2.48 3.42
N GLU A 113 -4.55 2.45 2.44
CA GLU A 113 -5.32 3.64 2.12
C GLU A 113 -6.27 3.97 3.26
N LEU A 114 -6.84 2.97 3.92
CA LEU A 114 -7.67 3.25 5.10
C LEU A 114 -6.80 3.80 6.27
N CYS A 115 -5.58 3.30 6.40
CA CYS A 115 -4.72 3.68 7.53
C CYS A 115 -4.00 5.01 7.39
N ARG A 116 -3.59 5.34 6.16
CA ARG A 116 -2.85 6.59 5.86
C ARG A 116 -3.64 7.58 5.00
N ARG A 117 -4.59 7.11 4.19
CA ARG A 117 -5.39 7.99 3.34
C ARG A 117 -4.49 8.85 2.45
N THR A 118 -3.55 8.22 1.73
CA THR A 118 -2.57 9.00 0.95
C THR A 118 -3.25 9.80 -0.13
N ALA A 119 -4.21 9.20 -0.80
CA ALA A 119 -4.93 9.85 -1.90
C ALA A 119 -5.79 11.02 -1.44
N LEU A 120 -6.39 10.90 -0.25
CA LEU A 120 -7.09 12.02 0.37
C LEU A 120 -6.14 13.21 0.56
N HIS A 121 -5.01 12.98 1.22
CA HIS A 121 -4.05 14.08 1.46
C HIS A 121 -3.44 14.68 0.20
N ASP A 122 -3.28 13.85 -0.83
CA ASP A 122 -2.91 14.35 -2.16
C ASP A 122 -3.97 15.31 -2.72
N HIS A 123 -5.23 14.92 -2.59
CA HIS A 123 -6.35 15.76 -3.00
C HIS A 123 -6.39 17.09 -2.25
N ARG A 124 -6.11 17.03 -0.95
CA ARG A 124 -6.15 18.23 -0.10
C ARG A 124 -5.01 19.17 -0.45
N ILE A 125 -3.81 18.64 -0.68
CA ILE A 125 -2.69 19.45 -1.21
C ILE A 125 -3.12 20.20 -2.47
N ARG A 126 -3.79 19.52 -3.38
CA ARG A 126 -4.22 20.09 -4.67
C ARG A 126 -5.33 21.15 -4.52
N ALA A 127 -6.11 21.05 -3.45
CA ALA A 127 -7.05 22.10 -3.04
C ALA A 127 -6.40 23.23 -2.20
N GLY A 128 -5.07 23.19 -2.04
CA GLY A 128 -4.32 24.23 -1.32
C GLY A 128 -4.24 24.09 0.19
N ALA A 129 -4.41 22.87 0.70
CA ALA A 129 -4.51 22.65 2.15
C ALA A 129 -3.17 22.78 2.88
N TRP A 130 -2.07 22.53 2.16
CA TRP A 130 -0.73 22.62 2.74
C TRP A 130 -0.34 24.11 2.93
N THR A 131 -0.65 24.96 1.96
CA THR A 131 -0.50 26.43 2.11
C THR A 131 -1.40 27.00 3.22
N GLN A 132 -2.65 26.55 3.25
CA GLN A 132 -3.62 26.99 4.27
C GLN A 132 -3.27 26.49 5.68
N SER A 133 -2.52 25.40 5.77
CA SER A 133 -2.14 24.82 7.08
C SER A 133 -1.31 25.78 7.91
N PRO A 134 -1.63 25.91 9.22
CA PRO A 134 -0.78 26.73 10.10
C PRO A 134 0.55 26.06 10.48
N ASP A 135 0.71 24.76 10.21
CA ASP A 135 1.96 24.02 10.47
C ASP A 135 2.64 23.51 9.21
N TRP A 136 3.96 23.32 9.29
CA TRP A 136 4.81 22.71 8.22
C TRP A 136 4.28 21.40 7.60
N CYS A 137 3.50 20.64 8.37
CA CYS A 137 2.79 19.47 7.87
C CYS A 137 1.38 19.48 8.41
N PHE A 138 0.56 18.54 7.95
CA PHE A 138 -0.80 18.36 8.48
C PHE A 138 -1.33 16.97 8.14
N TRP A 139 -2.46 16.61 8.75
CA TRP A 139 -3.20 15.40 8.39
C TRP A 139 -4.66 15.58 8.80
N ASP A 140 -5.56 15.35 7.85
CA ASP A 140 -7.01 15.28 8.08
C ASP A 140 -7.48 13.91 8.59
N SER A 141 -6.58 12.94 8.65
CA SER A 141 -6.93 11.60 9.07
C SER A 141 -5.74 11.08 9.84
N THR A 142 -5.96 10.63 11.07
CA THR A 142 -4.89 10.04 11.87
C THR A 142 -4.13 8.98 11.06
N GLN A 143 -2.80 9.10 11.09
CA GLN A 143 -1.93 8.14 10.41
C GLN A 143 -1.75 6.93 11.30
N GLU A 144 -2.07 5.75 10.79
CA GLU A 144 -2.14 4.56 11.65
C GLU A 144 -1.15 3.53 11.13
N GLU A 145 -0.40 2.97 12.08
CA GLU A 145 0.65 2.02 11.83
C GLU A 145 0.05 0.64 12.01
N LEU A 146 0.46 -0.32 11.18
CA LEU A 146 -0.01 -1.71 11.37
C LEU A 146 0.78 -2.46 12.44
N THR A 147 1.92 -1.93 12.86
CA THR A 147 2.78 -2.61 13.83
C THR A 147 2.06 -2.94 15.11
N GLY A 148 2.19 -4.20 15.53
CA GLY A 148 1.53 -4.71 16.72
C GLY A 148 0.04 -5.03 16.62
N LYS A 149 -0.60 -4.73 15.49
CA LYS A 149 -1.97 -5.16 15.25
C LYS A 149 -2.01 -6.65 14.87
N THR A 150 -3.16 -7.28 15.07
CA THR A 150 -3.37 -8.68 14.70
C THR A 150 -4.16 -8.76 13.40
N MET A 151 -3.58 -9.46 12.42
CA MET A 151 -4.24 -9.77 11.17
C MET A 151 -4.87 -11.15 11.31
N GLY A 152 -6.18 -11.20 11.13
CA GLY A 152 -6.97 -12.43 11.16
C GLY A 152 -7.32 -12.78 9.73
N ILE A 153 -6.95 -13.98 9.31
CA ILE A 153 -7.08 -14.40 7.91
C ILE A 153 -8.07 -15.56 7.85
N VAL A 154 -9.23 -15.30 7.26
CA VAL A 154 -10.31 -16.27 7.12
C VAL A 154 -10.11 -17.03 5.83
N GLY A 155 -9.55 -18.24 5.93
CA GLY A 155 -9.23 -19.07 4.76
C GLY A 155 -7.73 -18.97 4.50
N PHE A 156 -7.03 -20.10 4.45
CA PHE A 156 -5.56 -20.11 4.44
C PHE A 156 -5.01 -20.96 3.29
N GLY A 157 -5.59 -20.73 2.11
CA GLY A 157 -4.99 -21.19 0.84
C GLY A 157 -3.84 -20.26 0.47
N ASN A 158 -3.47 -20.28 -0.81
CA ASN A 158 -2.30 -19.53 -1.30
C ASN A 158 -2.38 -18.01 -1.03
N THR A 159 -3.53 -17.41 -1.28
CA THR A 159 -3.68 -15.96 -1.16
C THR A 159 -3.59 -15.55 0.31
N GLY A 160 -4.41 -16.20 1.13
CA GLY A 160 -4.35 -16.09 2.58
C GLY A 160 -2.94 -16.20 3.14
N ARG A 161 -2.19 -17.20 2.70
CA ARG A 161 -0.81 -17.39 3.18
C ARG A 161 0.09 -16.25 2.77
N ARG A 162 -0.12 -15.73 1.55
CA ARG A 162 0.61 -14.55 1.05
C ARG A 162 0.28 -13.33 1.90
N VAL A 163 -1.01 -13.13 2.18
CA VAL A 163 -1.41 -12.04 3.05
C VAL A 163 -0.71 -12.16 4.41
N GLY A 164 -0.61 -13.37 4.93
CA GLY A 164 0.04 -13.60 6.22
C GLY A 164 1.52 -13.27 6.19
N ARG A 165 2.24 -13.67 5.15
CA ARG A 165 3.67 -13.35 5.08
C ARG A 165 3.88 -11.81 5.04
N ILE A 166 3.05 -11.10 4.28
CA ILE A 166 3.16 -9.66 4.18
C ILE A 166 2.88 -9.03 5.54
N ALA A 167 1.77 -9.45 6.14
CA ALA A 167 1.39 -8.96 7.48
C ALA A 167 2.52 -9.11 8.49
N ASN A 168 3.11 -10.29 8.53
CA ASN A 168 4.24 -10.52 9.41
C ASN A 168 5.36 -9.49 9.18
N ALA A 169 5.71 -9.27 7.92
CA ALA A 169 6.78 -8.34 7.58
C ALA A 169 6.45 -6.90 7.96
N LEU A 170 5.18 -6.53 7.97
CA LEU A 170 4.75 -5.22 8.47
C LEU A 170 4.67 -5.15 10.01
N GLY A 171 5.15 -6.16 10.73
CA GLY A 171 5.11 -6.18 12.20
C GLY A 171 3.77 -6.57 12.84
N MET A 172 2.88 -7.21 12.09
CA MET A 172 1.59 -7.64 12.62
C MET A 172 1.70 -9.07 13.13
N ASN A 173 0.88 -9.38 14.13
CA ASN A 173 0.65 -10.75 14.54
C ASN A 173 -0.32 -11.30 13.54
N VAL A 174 -0.23 -12.61 13.29
CA VAL A 174 -1.09 -13.28 12.34
C VAL A 174 -1.81 -14.43 13.05
N ILE A 175 -3.11 -14.53 12.79
CA ILE A 175 -3.91 -15.67 13.15
C ILE A 175 -4.75 -16.08 11.95
N ALA A 176 -4.93 -17.38 11.75
CA ALA A 176 -5.62 -17.90 10.58
C ALA A 176 -6.71 -18.88 10.98
N TYR A 177 -7.89 -18.72 10.38
CA TYR A 177 -8.92 -19.76 10.40
C TYR A 177 -8.65 -20.59 9.17
N ALA A 178 -8.18 -21.81 9.40
CA ALA A 178 -7.61 -22.66 8.35
C ALA A 178 -8.28 -24.02 8.40
N PRO A 179 -9.53 -24.09 7.92
CA PRO A 179 -10.30 -25.34 8.00
C PRO A 179 -9.83 -26.45 7.03
N ARG A 180 -9.46 -26.07 5.81
CA ARG A 180 -9.01 -27.01 4.78
C ARG A 180 -7.57 -27.53 4.96
N SER A 181 -6.78 -26.88 5.82
CA SER A 181 -5.34 -27.19 5.97
C SER A 181 -4.74 -26.79 7.32
N ARG A 182 -3.98 -27.71 7.93
CA ARG A 182 -3.10 -27.40 9.06
C ARG A 182 -1.71 -27.07 8.51
N PHE A 183 -1.58 -25.92 7.83
CA PHE A 183 -0.32 -25.45 7.27
C PHE A 183 0.34 -24.52 8.26
N ASP A 184 1.57 -24.84 8.66
CA ASP A 184 2.34 -24.01 9.57
C ASP A 184 3.41 -23.21 8.80
N PRO A 185 3.27 -21.88 8.74
CA PRO A 185 4.29 -21.06 8.06
C PRO A 185 5.54 -20.87 8.90
N ASP A 186 6.59 -20.34 8.26
CA ASP A 186 7.89 -20.19 8.90
C ASP A 186 8.08 -18.74 9.39
N TYR A 187 7.14 -18.27 10.22
CA TYR A 187 7.25 -16.96 10.87
C TYR A 187 6.41 -16.93 12.14
N ARG A 188 6.81 -16.08 13.08
CA ARG A 188 6.08 -15.88 14.31
C ARG A 188 6.00 -14.39 14.61
N PRO A 189 4.98 -13.93 15.34
CA PRO A 189 3.91 -14.75 15.94
C PRO A 189 2.85 -15.20 14.94
N PHE A 190 2.53 -16.48 14.97
CA PHE A 190 1.48 -17.06 14.15
C PHE A 190 0.74 -18.08 14.98
N GLU A 191 -0.56 -18.19 14.76
CA GLU A 191 -1.39 -19.18 15.45
C GLU A 191 -2.64 -19.53 14.63
N HIS A 192 -3.04 -20.79 14.65
CA HIS A 192 -4.35 -21.22 14.13
C HIS A 192 -5.45 -20.98 15.17
N VAL A 193 -6.58 -20.46 14.74
CA VAL A 193 -7.71 -20.19 15.63
C VAL A 193 -9.03 -20.62 15.01
N GLY A 194 -10.03 -20.87 15.86
CA GLY A 194 -11.40 -21.00 15.40
C GLY A 194 -11.91 -19.67 14.87
N LEU A 195 -12.98 -19.73 14.09
CA LEU A 195 -13.55 -18.55 13.45
C LEU A 195 -14.04 -17.47 14.43
N ASP A 196 -14.70 -17.88 15.52
CA ASP A 196 -15.17 -16.92 16.53
C ASP A 196 -14.02 -16.24 17.26
N GLU A 197 -12.99 -17.01 17.64
CA GLU A 197 -11.77 -16.50 18.25
C GLU A 197 -11.01 -15.51 17.35
N LEU A 198 -11.04 -15.75 16.05
CA LEU A 198 -10.42 -14.85 15.07
C LEU A 198 -11.03 -13.47 15.19
N PHE A 199 -12.36 -13.37 15.17
CA PHE A 199 -13.04 -12.06 15.27
C PHE A 199 -12.85 -11.32 16.59
N THR A 200 -12.75 -12.04 17.73
CA THR A 200 -12.51 -11.38 19.01
C THR A 200 -11.06 -10.89 19.14
N SER A 201 -10.11 -11.52 18.45
CA SER A 201 -8.68 -11.21 18.62
C SER A 201 -8.07 -10.35 17.52
N ALA A 202 -8.69 -10.28 16.34
CA ALA A 202 -8.12 -9.58 15.20
C ALA A 202 -8.49 -8.11 15.16
N ASP A 203 -7.48 -7.29 14.89
CA ASP A 203 -7.65 -5.87 14.58
C ASP A 203 -7.95 -5.62 13.11
N VAL A 204 -7.48 -6.49 12.24
CA VAL A 204 -7.79 -6.46 10.83
C VAL A 204 -8.21 -7.86 10.44
N VAL A 205 -9.34 -7.98 9.75
CA VAL A 205 -9.82 -9.24 9.25
C VAL A 205 -9.81 -9.18 7.74
N SER A 206 -9.18 -10.17 7.07
CA SER A 206 -9.25 -10.30 5.64
C SER A 206 -9.82 -11.64 5.20
N LEU A 207 -10.75 -11.63 4.23
CA LEU A 207 -11.47 -12.83 3.79
C LEU A 207 -10.84 -13.47 2.58
N HIS A 208 -10.60 -14.79 2.66
CA HIS A 208 -9.91 -15.55 1.61
C HIS A 208 -10.44 -16.97 1.46
N CYS A 209 -11.76 -17.11 1.60
CA CYS A 209 -12.43 -18.40 1.60
C CYS A 209 -13.49 -18.44 0.49
N PRO A 210 -13.77 -19.66 -0.03
CA PRO A 210 -14.81 -19.75 -1.06
C PRO A 210 -16.20 -19.54 -0.48
N LEU A 211 -17.13 -19.05 -1.32
CA LEU A 211 -18.53 -18.92 -0.92
C LEU A 211 -19.23 -20.27 -1.06
N THR A 212 -19.82 -20.73 0.05
CA THR A 212 -20.57 -21.98 0.12
C THR A 212 -21.79 -21.71 1.00
N PRO A 213 -22.69 -22.70 1.13
CA PRO A 213 -23.74 -22.62 2.16
C PRO A 213 -23.19 -22.29 3.57
N GLU A 214 -22.10 -22.96 3.97
CA GLU A 214 -21.49 -22.80 5.31
C GLU A 214 -20.90 -21.41 5.57
N THR A 215 -20.39 -20.76 4.52
CA THR A 215 -19.73 -19.45 4.66
C THR A 215 -20.55 -18.25 4.20
N GLU A 216 -21.74 -18.46 3.63
CA GLU A 216 -22.63 -17.34 3.35
C GLU A 216 -22.97 -16.57 4.67
N GLY A 217 -22.79 -15.24 4.64
CA GLY A 217 -23.08 -14.38 5.78
C GLY A 217 -22.20 -14.64 6.98
N LEU A 218 -20.95 -15.01 6.71
CA LEU A 218 -19.94 -15.28 7.73
C LEU A 218 -19.71 -14.05 8.60
N VAL A 219 -19.47 -12.91 7.95
CA VAL A 219 -19.33 -11.63 8.64
C VAL A 219 -20.73 -11.08 8.91
N ASP A 220 -21.28 -11.48 10.06
CA ASP A 220 -22.62 -11.09 10.48
C ASP A 220 -22.56 -10.17 11.70
N ALA A 221 -23.74 -9.66 12.08
CA ALA A 221 -23.87 -8.76 13.22
C ALA A 221 -23.18 -9.26 14.49
N ARG A 222 -23.28 -10.57 14.75
CA ARG A 222 -22.71 -11.18 15.97
C ARG A 222 -21.19 -11.18 16.02
N ARG A 223 -20.56 -11.58 14.92
CA ARG A 223 -19.10 -11.54 14.85
C ARG A 223 -18.57 -10.12 14.85
N LEU A 224 -19.31 -9.22 14.22
CA LEU A 224 -18.96 -7.78 14.24
C LEU A 224 -19.02 -7.20 15.65
N ALA A 225 -20.07 -7.53 16.40
CA ALA A 225 -20.20 -7.13 17.80
C ALA A 225 -19.07 -7.65 18.70
N SER A 226 -18.50 -8.80 18.33
CA SER A 226 -17.38 -9.38 19.07
C SER A 226 -16.04 -8.66 18.83
N MET A 227 -15.94 -7.86 17.77
CA MET A 227 -14.66 -7.25 17.40
C MET A 227 -14.38 -6.05 18.29
N ARG A 228 -13.10 -5.74 18.44
CA ARG A 228 -12.69 -4.54 19.14
C ARG A 228 -13.07 -3.31 18.33
N PRO A 229 -13.52 -2.24 19.01
CA PRO A 229 -13.83 -1.02 18.27
C PRO A 229 -12.57 -0.44 17.65
N GLY A 230 -12.71 0.12 16.45
CA GLY A 230 -11.57 0.58 15.69
C GLY A 230 -10.95 -0.45 14.76
N SER A 231 -11.62 -1.57 14.52
CA SER A 231 -11.06 -2.63 13.66
C SER A 231 -11.36 -2.41 12.19
N TYR A 232 -10.65 -3.17 11.35
CA TYR A 232 -10.75 -3.06 9.89
C TYR A 232 -11.20 -4.39 9.28
N LEU A 233 -12.08 -4.31 8.26
CA LEU A 233 -12.50 -5.47 7.46
C LEU A 233 -12.10 -5.31 5.99
N ILE A 234 -11.53 -6.35 5.40
CA ILE A 234 -11.13 -6.34 3.98
C ILE A 234 -11.76 -7.55 3.34
N ASN A 235 -12.36 -7.36 2.16
CA ASN A 235 -12.97 -8.45 1.43
C ASN A 235 -12.65 -8.35 -0.07
N THR A 236 -11.70 -9.18 -0.51
CA THR A 236 -11.37 -9.35 -1.92
C THR A 236 -11.85 -10.72 -2.43
N ALA A 237 -12.68 -11.42 -1.63
CA ALA A 237 -13.14 -12.76 -1.94
C ALA A 237 -14.53 -12.76 -2.63
N ARG A 238 -15.63 -12.83 -1.87
CA ARG A 238 -16.98 -12.94 -2.44
C ARG A 238 -17.93 -12.07 -1.63
N GLY A 239 -18.76 -11.30 -2.33
CA GLY A 239 -19.73 -10.38 -1.70
C GLY A 239 -20.65 -10.99 -0.65
N PRO A 240 -21.32 -12.11 -0.98
CA PRO A 240 -22.21 -12.75 -0.01
C PRO A 240 -21.57 -13.35 1.26
N LEU A 241 -20.25 -13.28 1.38
CA LEU A 241 -19.60 -13.56 2.66
C LEU A 241 -19.98 -12.58 3.77
N LEU A 242 -20.49 -11.40 3.41
CA LEU A 242 -20.92 -10.38 4.39
C LEU A 242 -22.42 -10.25 4.47
N ASP A 243 -22.91 -9.89 5.66
CA ASP A 243 -24.23 -9.27 5.81
C ASP A 243 -23.97 -7.78 5.63
N GLU A 244 -24.31 -7.26 4.45
CA GLU A 244 -23.99 -5.88 4.06
C GLU A 244 -24.61 -4.84 5.00
N ARG A 245 -25.79 -5.14 5.52
CA ARG A 245 -26.50 -4.27 6.47
C ARG A 245 -25.71 -4.10 7.77
N ALA A 246 -25.33 -5.23 8.37
CA ALA A 246 -24.57 -5.24 9.62
C ALA A 246 -23.25 -4.49 9.50
N VAL A 247 -22.60 -4.65 8.35
CA VAL A 247 -21.32 -3.98 8.11
C VAL A 247 -21.51 -2.46 7.98
N ALA A 248 -22.55 -2.04 7.26
CA ALA A 248 -22.86 -0.61 7.17
C ALA A 248 -23.08 0.00 8.56
N GLU A 249 -23.89 -0.65 9.38
CA GLU A 249 -24.18 -0.22 10.75
C GLU A 249 -22.91 -0.20 11.62
N ALA A 250 -22.03 -1.18 11.44
CA ALA A 250 -20.73 -1.22 12.17
C ALA A 250 -19.79 -0.08 11.80
N LEU A 251 -19.81 0.29 10.53
CA LEU A 251 -19.03 1.44 10.07
C LEU A 251 -19.60 2.73 10.66
N ASP A 252 -20.92 2.91 10.57
CA ASP A 252 -21.55 4.13 11.09
C ASP A 252 -21.41 4.26 12.63
N SER A 253 -21.45 3.13 13.34
CA SER A 253 -21.30 3.13 14.82
C SER A 253 -19.86 3.33 15.31
N GLY A 254 -18.87 3.05 14.46
CA GLY A 254 -17.46 3.15 14.85
C GLY A 254 -16.84 1.83 15.27
N ARG A 255 -17.61 0.74 15.22
CA ARG A 255 -17.10 -0.59 15.48
C ARG A 255 -15.98 -0.89 14.52
N LEU A 256 -16.28 -0.69 13.23
CA LEU A 256 -15.28 -0.77 12.19
C LEU A 256 -14.82 0.64 11.93
N ALA A 257 -13.50 0.84 12.05
CA ALA A 257 -12.87 2.07 11.66
C ALA A 257 -12.81 2.20 10.15
N GLY A 258 -12.98 1.10 9.43
CA GLY A 258 -12.90 1.11 7.99
C GLY A 258 -13.18 -0.26 7.37
N ALA A 259 -13.60 -0.22 6.13
CA ALA A 259 -13.81 -1.42 5.35
C ALA A 259 -13.30 -1.19 3.94
N GLY A 260 -12.64 -2.21 3.37
CA GLY A 260 -12.08 -2.19 2.04
C GLY A 260 -12.68 -3.36 1.26
N LEU A 261 -13.44 -3.06 0.23
CA LEU A 261 -14.25 -4.07 -0.45
C LEU A 261 -13.99 -4.03 -1.94
N ASP A 262 -13.55 -5.15 -2.51
CA ASP A 262 -13.40 -5.27 -3.94
C ASP A 262 -14.57 -6.01 -4.61
N VAL A 263 -15.48 -6.53 -3.80
CA VAL A 263 -16.63 -7.25 -4.27
C VAL A 263 -17.83 -6.84 -3.44
N LEU A 264 -19.01 -7.03 -4.02
CA LEU A 264 -20.31 -6.76 -3.41
C LEU A 264 -21.31 -7.84 -3.86
N SER A 265 -22.39 -8.00 -3.11
CA SER A 265 -23.40 -9.02 -3.40
C SER A 265 -24.15 -8.74 -4.70
N GLN A 266 -24.35 -7.46 -5.01
CA GLN A 266 -24.83 -7.04 -6.35
C GLN A 266 -23.77 -6.18 -7.03
N GLU A 267 -23.27 -6.65 -8.18
CA GLU A 267 -22.30 -5.92 -9.00
C GLU A 267 -22.86 -5.73 -10.42
N PRO A 268 -23.04 -4.50 -10.90
CA PRO A 268 -22.75 -3.26 -10.17
C PRO A 268 -23.79 -2.93 -9.09
N PRO A 269 -23.41 -2.09 -8.11
CA PRO A 269 -24.33 -1.76 -7.03
C PRO A 269 -25.45 -0.80 -7.39
N ALA A 270 -26.53 -0.83 -6.61
CA ALA A 270 -27.57 0.20 -6.68
C ALA A 270 -27.10 1.41 -5.91
N ALA A 271 -27.69 2.56 -6.18
CA ALA A 271 -27.46 3.78 -5.38
C ALA A 271 -27.79 3.57 -3.88
N ASP A 272 -28.82 2.75 -3.60
CA ASP A 272 -29.26 2.44 -2.24
C ASP A 272 -28.62 1.21 -1.54
N ASN A 273 -27.54 0.65 -2.10
CA ASN A 273 -26.74 -0.34 -1.37
C ASN A 273 -26.24 0.35 -0.11
N PRO A 274 -26.44 -0.26 1.09
CA PRO A 274 -26.06 0.46 2.31
C PRO A 274 -24.56 0.75 2.42
N LEU A 275 -23.73 -0.06 1.76
CA LEU A 275 -22.28 0.16 1.76
C LEU A 275 -21.81 1.36 0.96
N LEU A 276 -22.64 1.89 0.06
CA LEU A 276 -22.33 3.14 -0.65
C LEU A 276 -22.68 4.42 0.14
N SER A 277 -23.47 4.30 1.19
CA SER A 277 -23.79 5.43 2.08
C SER A 277 -22.99 5.39 3.39
N ALA A 278 -22.24 4.32 3.62
CA ALA A 278 -21.54 4.12 4.90
C ALA A 278 -20.25 4.91 4.94
N LYS A 279 -19.93 5.50 6.09
CA LYS A 279 -18.65 6.19 6.26
C LYS A 279 -17.47 5.21 6.33
N ASN A 280 -16.28 5.71 6.00
CA ASN A 280 -15.01 4.96 6.02
C ASN A 280 -15.04 3.64 5.26
N CYS A 281 -15.79 3.61 4.16
CA CYS A 281 -15.90 2.42 3.32
C CYS A 281 -15.20 2.71 2.00
N LEU A 282 -14.23 1.87 1.66
CA LEU A 282 -13.47 1.99 0.42
C LEU A 282 -13.87 0.83 -0.49
N ILE A 283 -14.27 1.14 -1.73
CA ILE A 283 -14.81 0.14 -2.64
C ILE A 283 -14.08 0.24 -3.97
N THR A 284 -13.67 -0.90 -4.50
CA THR A 284 -13.02 -0.98 -5.80
C THR A 284 -13.80 -1.98 -6.66
N PRO A 285 -13.84 -1.77 -8.00
CA PRO A 285 -14.76 -2.51 -8.86
C PRO A 285 -14.26 -3.89 -9.32
N HIS A 286 -14.13 -4.83 -8.38
CA HIS A 286 -13.77 -6.21 -8.67
C HIS A 286 -12.54 -6.31 -9.57
N LEU A 287 -11.46 -5.68 -9.14
CA LEU A 287 -10.22 -5.59 -9.89
C LEU A 287 -8.99 -6.11 -9.12
N ALA A 288 -9.20 -6.79 -8.01
CA ALA A 288 -8.07 -7.24 -7.17
C ALA A 288 -7.19 -8.23 -7.94
N TRP A 289 -7.84 -9.08 -8.74
CA TRP A 289 -7.22 -10.09 -9.63
C TRP A 289 -6.40 -9.56 -10.79
N ALA A 290 -6.49 -8.27 -11.05
CA ALA A 290 -6.26 -7.73 -12.40
C ALA A 290 -4.95 -7.00 -12.65
N SER A 291 -3.88 -7.30 -11.90
CA SER A 291 -2.60 -6.68 -12.20
C SER A 291 -2.10 -7.13 -13.58
N ARG A 292 -1.30 -6.29 -14.23
CA ARG A 292 -0.77 -6.65 -15.53
C ARG A 292 0.03 -7.96 -15.48
N THR A 293 0.77 -8.20 -14.40
CA THR A 293 1.48 -9.46 -14.18
C THR A 293 0.56 -10.69 -14.11
N ALA A 294 -0.55 -10.56 -13.38
CA ALA A 294 -1.48 -11.67 -13.22
C ALA A 294 -2.18 -12.02 -14.54
N ARG A 295 -2.57 -10.99 -15.28
CA ARG A 295 -3.20 -11.19 -16.58
C ARG A 295 -2.23 -11.82 -17.59
N ARG A 296 -0.98 -11.40 -17.55
CA ARG A 296 0.09 -12.00 -18.32
C ARG A 296 0.25 -13.51 -18.00
N THR A 297 0.17 -13.84 -16.71
CA THR A 297 0.28 -15.23 -16.27
C THR A 297 -0.95 -16.03 -16.71
N LEU A 298 -2.12 -15.42 -16.52
CA LEU A 298 -3.38 -15.96 -16.99
C LEU A 298 -3.38 -16.28 -18.50
N MET A 299 -2.77 -15.41 -19.29
CA MET A 299 -2.64 -15.63 -20.72
C MET A 299 -1.78 -16.86 -21.00
N ASP A 300 -0.61 -16.93 -20.37
CA ASP A 300 0.32 -18.06 -20.55
C ASP A 300 -0.29 -19.39 -20.12
N SER A 301 -0.97 -19.41 -18.98
CA SER A 301 -1.63 -20.62 -18.46
C SER A 301 -2.77 -21.07 -19.36
N THR A 302 -3.50 -20.12 -19.92
CA THR A 302 -4.52 -20.42 -20.93
C THR A 302 -3.89 -21.03 -22.21
N ALA A 303 -2.74 -20.52 -22.66
CA ALA A 303 -2.03 -21.14 -23.78
C ALA A 303 -1.58 -22.56 -23.46
N ALA A 304 -1.11 -22.76 -22.21
CA ALA A 304 -0.71 -24.10 -21.73
C ALA A 304 -1.85 -25.09 -21.74
N ASN A 305 -3.03 -24.65 -21.26
CA ASN A 305 -4.26 -25.44 -21.28
C ASN A 305 -4.64 -25.89 -22.70
N ILE A 306 -4.59 -24.96 -23.65
CA ILE A 306 -4.92 -25.23 -25.06
C ILE A 306 -3.88 -26.15 -25.69
N ARG A 307 -2.60 -25.88 -25.42
CA ARG A 307 -1.48 -26.72 -25.90
C ARG A 307 -1.66 -28.16 -25.42
N SER A 308 -1.98 -28.31 -24.13
CA SER A 308 -2.25 -29.63 -23.55
C SER A 308 -3.45 -30.35 -24.14
N PHE A 309 -4.52 -29.61 -24.41
CA PHE A 309 -5.70 -30.19 -25.06
C PHE A 309 -5.34 -30.73 -26.45
N ILE A 310 -4.58 -29.95 -27.22
CA ILE A 310 -4.10 -30.37 -28.55
C ILE A 310 -3.23 -31.63 -28.43
N GLU A 311 -2.32 -31.66 -27.44
CA GLU A 311 -1.45 -32.82 -27.23
C GLU A 311 -2.18 -34.07 -26.67
N GLY A 312 -3.48 -33.96 -26.38
CA GLY A 312 -4.31 -35.11 -25.99
C GLY A 312 -4.38 -35.37 -24.49
N THR A 313 -3.64 -34.59 -23.69
CA THR A 313 -3.58 -34.72 -22.22
C THR A 313 -4.00 -33.39 -21.54
N PRO A 314 -5.33 -33.08 -21.49
CA PRO A 314 -5.76 -31.77 -21.02
C PRO A 314 -5.50 -31.52 -19.54
N VAL A 315 -5.08 -30.32 -19.20
CA VAL A 315 -4.67 -29.97 -17.85
C VAL A 315 -5.69 -29.04 -17.19
N ASN A 316 -5.71 -29.01 -15.86
CA ASN A 316 -6.64 -28.16 -15.08
C ASN A 316 -8.11 -28.41 -15.41
N VAL A 317 -8.46 -29.67 -15.66
CA VAL A 317 -9.81 -30.01 -16.06
C VAL A 317 -10.71 -29.93 -14.84
N VAL A 318 -11.78 -29.14 -14.92
CA VAL A 318 -12.73 -28.99 -13.79
C VAL A 318 -14.01 -29.85 -13.90
N ASN A 319 -14.14 -30.63 -14.99
CA ASN A 319 -15.30 -31.49 -15.18
C ASN A 319 -14.92 -32.94 -15.57
N ALA A 320 -13.85 -33.44 -14.95
CA ALA A 320 -13.32 -34.79 -15.25
C ALA A 320 -14.34 -35.90 -14.89
N ALA A 321 -15.07 -35.68 -13.79
CA ALA A 321 -16.14 -36.58 -13.35
C ALA A 321 -17.28 -36.75 -14.37
N HIS A 322 -17.55 -35.73 -15.19
CA HIS A 322 -18.64 -35.76 -16.21
C HIS A 322 -18.19 -36.17 -17.61
N LEU A 323 -16.87 -36.13 -17.82
CA LEU A 323 -16.23 -36.74 -18.98
C LEU A 323 -16.15 -38.23 -18.80
N MET B 2 12.53 22.50 37.65
CA MET B 2 13.09 22.63 36.26
C MET B 2 12.00 23.00 35.25
N ARG B 3 12.34 23.93 34.37
CA ARG B 3 11.35 24.60 33.53
C ARG B 3 11.58 24.17 32.09
N ILE B 4 10.55 23.61 31.46
CA ILE B 4 10.63 23.03 30.12
C ILE B 4 9.64 23.71 29.19
N VAL B 5 10.08 24.10 27.99
CA VAL B 5 9.22 24.76 27.02
C VAL B 5 9.25 24.04 25.67
N ALA B 6 8.07 23.66 25.17
CA ALA B 6 7.90 23.13 23.82
C ALA B 6 7.40 24.27 22.91
N LEU B 7 8.23 24.63 21.92
CA LEU B 7 7.93 25.77 21.05
C LEU B 7 6.96 25.43 19.91
N ASP B 8 6.90 24.17 19.50
CA ASP B 8 5.90 23.75 18.51
C ASP B 8 5.45 22.32 18.73
N GLY B 9 4.62 22.13 19.76
CA GLY B 9 4.19 20.81 20.20
C GLY B 9 2.96 20.23 19.50
N TYR B 10 2.29 21.04 18.70
CA TYR B 10 1.02 20.62 18.12
C TYR B 10 1.15 19.39 17.21
N THR B 11 2.07 19.42 16.26
CA THR B 11 2.31 18.28 15.35
C THR B 11 2.70 16.97 16.09
N LEU B 12 3.46 17.06 17.17
CA LEU B 12 3.73 15.87 17.98
C LEU B 12 2.48 15.38 18.71
N ASN B 13 1.71 16.30 19.31
CA ASN B 13 0.53 15.93 20.11
C ASN B 13 -0.62 16.89 19.86
N PRO B 14 -1.42 16.63 18.83
CA PRO B 14 -2.60 17.46 18.56
C PRO B 14 -3.83 16.99 19.34
N GLY B 15 -3.64 16.56 20.59
CA GLY B 15 -4.73 16.07 21.41
C GLY B 15 -4.99 14.59 21.41
N ASP B 16 -4.15 13.78 20.74
CA ASP B 16 -4.38 12.31 20.74
C ASP B 16 -3.37 11.47 21.51
N ILE B 17 -2.31 12.09 22.03
CA ILE B 17 -1.36 11.42 22.91
C ILE B 17 -1.24 12.25 24.18
N SER B 18 -0.19 12.05 24.97
CA SER B 18 -0.04 12.67 26.28
C SER B 18 1.37 13.22 26.50
N TRP B 19 1.46 14.41 27.08
CA TRP B 19 2.71 15.00 27.55
C TRP B 19 3.14 14.44 28.90
N ALA B 20 2.35 13.55 29.49
CA ALA B 20 2.64 13.05 30.85
C ALA B 20 4.09 12.65 31.12
N PRO B 21 4.74 11.95 30.18
CA PRO B 21 6.15 11.59 30.43
C PRO B 21 7.09 12.77 30.62
N ILE B 22 6.83 13.87 29.93
CA ILE B 22 7.60 15.11 30.08
C ILE B 22 7.17 15.86 31.35
N GLU B 23 5.87 15.91 31.63
CA GLU B 23 5.35 16.60 32.83
C GLU B 23 5.85 16.04 34.16
N GLU B 24 6.19 14.75 34.19
CA GLU B 24 6.82 14.12 35.37
C GLU B 24 8.19 14.70 35.73
N LEU B 25 8.87 15.35 34.78
CA LEU B 25 10.27 15.76 34.92
C LEU B 25 10.49 17.26 35.17
N GLY B 26 9.42 18.03 35.27
CA GLY B 26 9.54 19.47 35.45
C GLY B 26 8.25 20.18 35.16
N GLU B 27 8.35 21.51 35.07
CA GLU B 27 7.23 22.36 34.78
C GLU B 27 7.22 22.58 33.28
N LEU B 28 6.17 22.12 32.61
CA LEU B 28 6.10 22.17 31.14
C LEU B 28 5.14 23.25 30.68
N VAL B 29 5.54 23.97 29.64
CA VAL B 29 4.65 24.85 28.89
C VAL B 29 4.71 24.36 27.45
N VAL B 30 3.56 24.17 26.82
CA VAL B 30 3.49 23.70 25.44
C VAL B 30 2.81 24.77 24.59
N HIS B 31 3.57 25.37 23.69
CA HIS B 31 3.00 26.22 22.65
C HIS B 31 2.77 25.36 21.41
N PRO B 32 1.63 25.55 20.74
CA PRO B 32 1.32 24.71 19.59
C PRO B 32 2.26 24.98 18.41
N ARG B 33 2.62 26.24 18.23
CA ARG B 33 3.65 26.67 17.29
C ARG B 33 4.14 28.04 17.75
N THR B 34 5.28 28.46 17.20
CA THR B 34 5.88 29.74 17.57
C THR B 34 6.41 30.49 16.34
N PRO B 35 5.83 31.66 16.02
CA PRO B 35 6.46 32.50 14.98
C PRO B 35 7.82 33.03 15.41
N SER B 36 8.66 33.35 14.43
CA SER B 36 10.06 33.74 14.65
C SER B 36 10.29 34.91 15.64
N ASP B 37 9.40 35.91 15.58
CA ASP B 37 9.48 37.08 16.48
C ASP B 37 9.13 36.80 17.95
N LYS B 38 8.60 35.62 18.24
CA LYS B 38 8.18 35.24 19.59
C LYS B 38 9.09 34.17 20.24
N ILE B 39 10.15 33.75 19.55
CA ILE B 39 10.99 32.64 20.03
C ILE B 39 11.68 32.99 21.36
N ILE B 40 12.30 34.18 21.43
CA ILE B 40 13.05 34.58 22.62
C ILE B 40 12.12 34.79 23.81
N GLU B 41 11.03 35.52 23.61
CA GLU B 41 9.95 35.69 24.63
C GLU B 41 9.55 34.39 25.31
N ARG B 42 9.22 33.40 24.49
CA ARG B 42 8.66 32.15 24.98
C ARG B 42 9.71 31.23 25.58
N ALA B 43 10.91 31.26 25.03
CA ALA B 43 12.03 30.44 25.52
C ALA B 43 12.71 31.03 26.76
N ALA B 44 12.49 32.32 27.03
CA ALA B 44 13.11 32.98 28.18
C ALA B 44 12.71 32.29 29.49
N GLY B 45 13.71 32.09 30.35
CA GLY B 45 13.54 31.40 31.63
C GLY B 45 13.54 29.87 31.59
N ALA B 46 13.60 29.28 30.39
CA ALA B 46 13.56 27.83 30.25
C ALA B 46 14.93 27.20 30.44
N HIS B 47 14.99 26.17 31.28
CA HIS B 47 16.19 25.33 31.40
C HIS B 47 16.31 24.43 30.17
N VAL B 48 15.18 23.91 29.70
CA VAL B 48 15.10 22.95 28.59
C VAL B 48 14.12 23.47 27.52
N VAL B 49 14.57 23.50 26.27
CA VAL B 49 13.72 23.85 25.14
C VAL B 49 13.50 22.62 24.25
N LEU B 50 12.25 22.37 23.87
CA LEU B 50 11.90 21.33 22.89
C LEU B 50 11.46 22.01 21.59
N THR B 51 12.06 21.59 20.48
CA THR B 51 11.71 22.12 19.17
C THR B 51 11.62 20.96 18.18
N ASN B 52 10.63 21.02 17.30
CA ASN B 52 10.58 20.14 16.15
C ASN B 52 11.21 20.89 14.98
N LYS B 53 10.55 21.94 14.50
CA LYS B 53 11.03 22.71 13.35
C LYS B 53 11.19 24.20 13.65
N VAL B 54 11.05 24.63 14.91
CA VAL B 54 11.29 26.02 15.26
C VAL B 54 12.81 26.24 15.26
N PRO B 55 13.28 27.24 14.50
CA PRO B 55 14.72 27.43 14.36
C PRO B 55 15.36 28.03 15.61
N LEU B 56 16.58 27.58 15.93
CA LEU B 56 17.38 28.18 17.01
C LEU B 56 18.79 28.42 16.47
N ASP B 57 19.09 29.69 16.20
CA ASP B 57 20.36 30.11 15.63
C ASP B 57 21.29 30.67 16.73
N MET B 58 22.47 31.17 16.37
CA MET B 58 23.40 31.68 17.39
C MET B 58 22.85 32.90 18.12
N SER B 59 22.12 33.76 17.42
CA SER B 59 21.58 34.98 18.00
C SER B 59 20.48 34.71 19.03
N ALA B 60 19.60 33.73 18.76
CA ALA B 60 18.59 33.28 19.74
C ALA B 60 19.21 32.58 20.95
N LEU B 61 20.20 31.71 20.72
CA LEU B 61 20.90 30.99 21.79
C LEU B 61 21.65 31.90 22.75
N GLN B 62 22.35 32.90 22.22
CA GLN B 62 23.01 33.92 23.07
C GLN B 62 22.04 34.83 23.85
N ALA B 63 20.82 34.99 23.37
CA ALA B 63 19.76 35.72 24.07
C ALA B 63 19.01 34.86 25.12
N LEU B 64 19.43 33.60 25.32
CA LEU B 64 18.82 32.69 26.30
C LEU B 64 19.88 32.12 27.27
N PRO B 65 20.45 32.99 28.13
CA PRO B 65 21.54 32.52 29.00
C PRO B 65 21.12 31.44 30.01
N GLY B 66 19.83 31.40 30.34
CA GLY B 66 19.31 30.35 31.20
C GLY B 66 19.25 28.96 30.57
N LEU B 67 19.31 28.90 29.23
CA LEU B 67 19.09 27.65 28.51
C LEU B 67 20.21 26.65 28.76
N ARG B 68 19.87 25.48 29.29
CA ARG B 68 20.85 24.44 29.61
C ARG B 68 20.76 23.19 28.71
N PHE B 69 19.63 22.95 28.05
CA PHE B 69 19.47 21.71 27.23
C PHE B 69 18.41 21.85 26.15
N VAL B 70 18.75 21.43 24.93
CA VAL B 70 17.79 21.38 23.84
C VAL B 70 17.55 19.94 23.40
N SER B 71 16.29 19.53 23.32
CA SER B 71 15.95 18.25 22.71
C SER B 71 15.09 18.50 21.47
N VAL B 72 15.47 17.87 20.36
CA VAL B 72 14.79 18.04 19.09
C VAL B 72 13.80 16.88 18.90
N LEU B 73 12.57 17.24 18.54
CA LEU B 73 11.45 16.31 18.41
C LEU B 73 11.40 15.72 16.99
N ALA B 74 12.51 15.08 16.63
CA ALA B 74 12.77 14.63 15.27
C ALA B 74 14.13 13.96 15.25
N THR B 75 14.42 13.29 14.14
CA THR B 75 15.75 12.75 13.88
C THR B 75 16.63 13.85 13.29
N GLY B 76 16.04 14.67 12.42
CA GLY B 76 16.72 15.81 11.83
C GLY B 76 16.76 17.01 12.74
N TYR B 77 17.83 17.78 12.64
CA TYR B 77 18.04 18.98 13.46
C TYR B 77 18.64 20.11 12.61
N ASP B 78 18.28 20.15 11.32
CA ASP B 78 18.89 21.09 10.36
C ASP B 78 18.60 22.56 10.68
N LYS B 79 17.47 22.85 11.36
CA LYS B 79 17.12 24.22 11.74
C LYS B 79 17.66 24.65 13.12
N VAL B 80 18.46 23.79 13.77
CA VAL B 80 19.14 24.15 15.02
C VAL B 80 20.64 24.26 14.78
N ASP B 81 21.20 25.45 15.03
CA ASP B 81 22.65 25.62 14.98
C ASP B 81 23.28 24.96 16.21
N VAL B 82 23.47 23.65 16.12
CA VAL B 82 23.95 22.86 17.25
C VAL B 82 25.41 23.12 17.61
N ALA B 83 26.18 23.62 16.64
CA ALA B 83 27.56 24.06 16.89
C ALA B 83 27.60 25.28 17.83
N ALA B 84 26.77 26.28 17.54
CA ALA B 84 26.65 27.44 18.40
C ALA B 84 26.18 27.04 19.80
N ALA B 85 25.22 26.13 19.87
CA ALA B 85 24.76 25.58 21.16
C ALA B 85 25.93 24.95 21.93
N GLY B 86 26.77 24.18 21.23
CA GLY B 86 27.93 23.53 21.82
C GLY B 86 28.88 24.50 22.50
N VAL B 87 29.29 25.54 21.77
CA VAL B 87 30.29 26.51 22.29
C VAL B 87 29.76 27.28 23.51
N LEU B 88 28.43 27.48 23.56
CA LEU B 88 27.74 28.01 24.75
C LEU B 88 27.50 26.96 25.85
N GLY B 89 27.93 25.73 25.63
CA GLY B 89 27.82 24.64 26.61
C GLY B 89 26.44 24.04 26.74
N ILE B 90 25.69 24.01 25.63
CA ILE B 90 24.32 23.49 25.60
C ILE B 90 24.32 22.19 24.77
N PRO B 91 24.20 21.02 25.42
CA PRO B 91 24.00 19.77 24.68
C PRO B 91 22.69 19.79 23.89
N VAL B 92 22.72 19.27 22.67
CA VAL B 92 21.52 19.14 21.85
C VAL B 92 21.31 17.67 21.57
N SER B 93 20.13 17.15 21.91
CA SER B 93 19.78 15.77 21.63
C SER B 93 18.68 15.68 20.56
N ASN B 94 18.69 14.58 19.79
CA ASN B 94 17.60 14.25 18.87
C ASN B 94 16.99 12.89 19.25
N VAL B 95 16.08 12.38 18.43
CA VAL B 95 15.49 11.06 18.62
C VAL B 95 15.58 10.27 17.31
N PRO B 96 16.58 9.37 17.19
CA PRO B 96 16.57 8.45 16.02
C PRO B 96 15.68 7.24 16.29
N GLY B 97 15.18 6.62 15.24
CA GLY B 97 14.49 5.35 15.37
C GLY B 97 13.01 5.34 15.73
N TYR B 98 12.46 6.48 16.17
CA TYR B 98 11.04 6.56 16.55
C TYR B 98 10.05 6.18 15.46
N GLY B 99 10.41 6.48 14.22
CA GLY B 99 9.46 6.43 13.10
C GLY B 99 9.85 5.48 12.02
N THR B 100 10.68 4.48 12.32
CA THR B 100 11.14 3.51 11.34
C THR B 100 9.98 2.82 10.65
N ASP B 101 9.07 2.28 11.44
CA ASP B 101 7.91 1.61 10.89
C ASP B 101 6.89 2.54 10.25
N SER B 102 6.69 3.72 10.85
CA SER B 102 5.79 4.72 10.29
C SER B 102 6.22 5.07 8.88
N VAL B 103 7.50 5.36 8.72
CA VAL B 103 8.03 5.85 7.44
C VAL B 103 8.07 4.72 6.40
N ALA B 104 8.63 3.58 6.76
CA ALA B 104 8.67 2.41 5.85
C ALA B 104 7.30 1.99 5.35
N GLN B 105 6.31 1.95 6.24
CA GLN B 105 4.94 1.69 5.81
C GLN B 105 4.36 2.78 4.93
N HIS B 106 4.76 4.04 5.11
CA HIS B 106 4.31 5.11 4.22
C HIS B 106 4.86 4.97 2.79
N VAL B 107 6.09 4.48 2.66
CA VAL B 107 6.69 4.16 1.33
C VAL B 107 5.75 3.22 0.55
N PHE B 108 5.23 2.20 1.23
CA PHE B 108 4.31 1.24 0.64
C PHE B 108 2.86 1.72 0.52
N ALA B 109 2.44 2.63 1.39
CA ALA B 109 1.13 3.28 1.20
C ALA B 109 1.17 4.12 -0.06
N LEU B 110 2.25 4.88 -0.28
CA LEU B 110 2.40 5.66 -1.51
C LEU B 110 2.50 4.76 -2.73
N LEU B 111 3.39 3.76 -2.66
CA LEU B 111 3.65 2.88 -3.80
C LEU B 111 2.42 2.05 -4.24
N LEU B 112 1.68 1.52 -3.28
CA LEU B 112 0.50 0.71 -3.61
C LEU B 112 -0.68 1.57 -4.08
N GLU B 113 -0.79 2.79 -3.60
CA GLU B 113 -1.77 3.70 -4.15
C GLU B 113 -1.42 4.13 -5.56
N LEU B 114 -0.14 4.24 -5.88
CA LEU B 114 0.25 4.45 -7.30
C LEU B 114 -0.04 3.22 -8.16
N CYS B 115 0.13 2.02 -7.59
CA CYS B 115 -0.03 0.78 -8.33
C CYS B 115 -1.48 0.38 -8.54
N ARG B 116 -2.33 0.61 -7.53
CA ARG B 116 -3.74 0.24 -7.56
C ARG B 116 -4.74 1.42 -7.65
N ARG B 117 -4.39 2.58 -7.09
CA ARG B 117 -5.26 3.76 -7.11
C ARG B 117 -6.67 3.44 -6.57
N THR B 118 -6.71 2.85 -5.36
CA THR B 118 -7.96 2.43 -4.76
C THR B 118 -8.94 3.58 -4.59
N ALA B 119 -8.45 4.72 -4.13
CA ALA B 119 -9.31 5.88 -3.85
C ALA B 119 -9.90 6.50 -5.10
N LEU B 120 -9.12 6.50 -6.19
CA LEU B 120 -9.64 6.92 -7.48
C LEU B 120 -10.82 6.04 -7.89
N HIS B 121 -10.64 4.73 -7.89
CA HIS B 121 -11.71 3.83 -8.30
C HIS B 121 -12.94 3.85 -7.41
N ASP B 122 -12.73 4.10 -6.13
CA ASP B 122 -13.83 4.36 -5.19
C ASP B 122 -14.64 5.61 -5.61
N HIS B 123 -13.92 6.66 -5.97
CA HIS B 123 -14.55 7.89 -6.44
C HIS B 123 -15.36 7.67 -7.72
N ARG B 124 -14.80 6.88 -8.62
CA ARG B 124 -15.45 6.59 -9.90
C ARG B 124 -16.72 5.74 -9.70
N ILE B 125 -16.65 4.74 -8.82
CA ILE B 125 -17.84 3.98 -8.43
C ILE B 125 -18.96 4.92 -7.96
N ARG B 126 -18.60 5.90 -7.11
CA ARG B 126 -19.55 6.85 -6.53
C ARG B 126 -20.14 7.82 -7.56
N ALA B 127 -19.40 8.08 -8.63
CA ALA B 127 -19.92 8.80 -9.80
C ALA B 127 -20.69 7.91 -10.79
N GLY B 128 -20.90 6.63 -10.45
CA GLY B 128 -21.66 5.70 -11.30
C GLY B 128 -20.88 5.01 -12.42
N ALA B 129 -19.56 4.92 -12.27
CA ALA B 129 -18.70 4.38 -13.33
C ALA B 129 -18.82 2.86 -13.52
N TRP B 130 -19.20 2.16 -12.44
CA TRP B 130 -19.39 0.71 -12.49
C TRP B 130 -20.66 0.34 -13.28
N THR B 131 -21.75 1.07 -13.05
CA THR B 131 -22.99 0.93 -13.87
C THR B 131 -22.75 1.32 -15.33
N GLN B 132 -22.03 2.42 -15.55
CA GLN B 132 -21.72 2.90 -16.90
C GLN B 132 -20.78 1.98 -17.66
N SER B 133 -19.96 1.20 -16.93
CA SER B 133 -18.99 0.31 -17.55
C SER B 133 -19.66 -0.77 -18.41
N PRO B 134 -19.12 -1.01 -19.61
CA PRO B 134 -19.63 -2.10 -20.45
C PRO B 134 -19.20 -3.51 -19.96
N ASP B 135 -18.26 -3.58 -19.01
CA ASP B 135 -17.83 -4.86 -18.42
C ASP B 135 -18.15 -4.97 -16.93
N TRP B 136 -18.31 -6.20 -16.46
CA TRP B 136 -18.43 -6.58 -15.03
C TRP B 136 -17.43 -5.94 -14.03
N CYS B 137 -16.27 -5.57 -14.52
CA CYS B 137 -15.31 -4.79 -13.76
C CYS B 137 -14.73 -3.71 -14.65
N PHE B 138 -13.92 -2.83 -14.06
CA PHE B 138 -13.17 -1.83 -14.83
C PHE B 138 -11.97 -1.31 -14.04
N TRP B 139 -11.12 -0.55 -14.72
CA TRP B 139 -10.05 0.20 -14.12
C TRP B 139 -9.67 1.36 -15.03
N ASP B 140 -9.66 2.57 -14.47
CA ASP B 140 -9.14 3.77 -15.09
C ASP B 140 -7.61 3.93 -14.97
N SER B 141 -6.96 3.01 -14.27
CA SER B 141 -5.53 3.08 -14.04
C SER B 141 -5.07 1.63 -14.00
N THR B 142 -4.09 1.28 -14.84
CA THR B 142 -3.57 -0.07 -14.86
C THR B 142 -3.16 -0.53 -13.45
N GLN B 143 -3.61 -1.73 -13.09
CA GLN B 143 -3.29 -2.35 -11.82
C GLN B 143 -1.90 -3.00 -11.95
N GLU B 144 -1.02 -2.64 -11.05
CA GLU B 144 0.37 -3.04 -11.10
C GLU B 144 0.72 -3.83 -9.83
N GLU B 145 1.42 -4.93 -10.04
CA GLU B 145 1.85 -5.85 -9.00
C GLU B 145 3.32 -5.55 -8.76
N LEU B 146 3.77 -5.65 -7.51
CA LEU B 146 5.21 -5.47 -7.23
C LEU B 146 6.03 -6.73 -7.47
N THR B 147 5.38 -7.88 -7.56
CA THR B 147 6.09 -9.18 -7.50
C THR B 147 7.08 -9.29 -8.64
N GLY B 148 8.30 -9.70 -8.32
CA GLY B 148 9.36 -9.84 -9.34
C GLY B 148 10.07 -8.56 -9.74
N LYS B 149 9.58 -7.40 -9.32
CA LYS B 149 10.28 -6.14 -9.52
C LYS B 149 11.47 -6.02 -8.54
N THR B 150 12.40 -5.15 -8.88
CA THR B 150 13.55 -4.86 -8.04
C THR B 150 13.35 -3.54 -7.30
N MET B 151 13.45 -3.60 -5.98
CA MET B 151 13.41 -2.41 -5.13
C MET B 151 14.86 -1.99 -4.87
N GLY B 152 15.18 -0.77 -5.25
CA GLY B 152 16.49 -0.15 -5.05
C GLY B 152 16.37 0.85 -3.93
N ILE B 153 17.19 0.68 -2.90
CA ILE B 153 17.08 1.45 -1.66
C ILE B 153 18.34 2.31 -1.52
N VAL B 154 18.16 3.62 -1.65
CA VAL B 154 19.24 4.60 -1.58
C VAL B 154 19.39 5.02 -0.14
N GLY B 155 20.37 4.45 0.55
CA GLY B 155 20.58 4.69 1.98
C GLY B 155 20.01 3.53 2.76
N PHE B 156 20.82 2.91 3.61
CA PHE B 156 20.43 1.66 4.25
C PHE B 156 20.61 1.72 5.77
N GLY B 157 20.10 2.82 6.35
CA GLY B 157 19.88 2.91 7.80
C GLY B 157 18.61 2.17 8.18
N ASN B 158 18.04 2.48 9.34
CA ASN B 158 16.92 1.69 9.89
C ASN B 158 15.70 1.62 8.98
N THR B 159 15.30 2.77 8.42
CA THR B 159 14.09 2.88 7.63
C THR B 159 14.29 2.12 6.32
N GLY B 160 15.39 2.43 5.61
CA GLY B 160 15.82 1.68 4.44
C GLY B 160 15.79 0.18 4.63
N ARG B 161 16.34 -0.29 5.74
CA ARG B 161 16.33 -1.73 6.03
C ARG B 161 14.94 -2.28 6.20
N ARG B 162 14.08 -1.52 6.87
CA ARG B 162 12.66 -1.87 7.03
C ARG B 162 11.97 -1.92 5.67
N VAL B 163 12.21 -0.93 4.83
CA VAL B 163 11.67 -0.95 3.47
C VAL B 163 12.10 -2.22 2.75
N GLY B 164 13.36 -2.61 2.92
CA GLY B 164 13.88 -3.83 2.29
C GLY B 164 13.21 -5.09 2.79
N ARG B 165 12.99 -5.21 4.09
CA ARG B 165 12.32 -6.40 4.64
C ARG B 165 10.89 -6.51 4.06
N ILE B 166 10.18 -5.39 3.97
CA ILE B 166 8.82 -5.40 3.45
C ILE B 166 8.85 -5.79 1.98
N ALA B 167 9.72 -5.14 1.22
CA ALA B 167 9.89 -5.45 -0.21
C ALA B 167 10.12 -6.93 -0.47
N ASN B 168 11.05 -7.50 0.29
CA ASN B 168 11.32 -8.94 0.18
C ASN B 168 10.05 -9.75 0.37
N ALA B 169 9.28 -9.44 1.41
CA ALA B 169 8.06 -10.17 1.71
C ALA B 169 7.00 -10.02 0.64
N LEU B 170 6.99 -8.89 -0.07
CA LEU B 170 6.11 -8.73 -1.25
C LEU B 170 6.62 -9.44 -2.53
N GLY B 171 7.69 -10.22 -2.43
CA GLY B 171 8.28 -10.92 -3.58
C GLY B 171 9.14 -10.07 -4.50
N MET B 172 9.66 -8.95 -4.00
CA MET B 172 10.57 -8.11 -4.77
C MET B 172 12.01 -8.53 -4.49
N ASN B 173 12.86 -8.30 -5.47
CA ASN B 173 14.30 -8.36 -5.27
C ASN B 173 14.66 -7.05 -4.63
N VAL B 174 15.71 -7.08 -3.81
CA VAL B 174 16.18 -5.88 -3.12
C VAL B 174 17.64 -5.64 -3.46
N ILE B 175 17.95 -4.39 -3.77
CA ILE B 175 19.33 -3.93 -3.88
C ILE B 175 19.46 -2.62 -3.11
N ALA B 176 20.59 -2.42 -2.44
CA ALA B 176 20.79 -1.28 -1.58
C ALA B 176 22.11 -0.57 -1.88
N TYR B 177 22.06 0.76 -1.98
CA TYR B 177 23.26 1.59 -1.96
C TYR B 177 23.47 1.95 -0.50
N ALA B 178 24.50 1.37 0.09
CA ALA B 178 24.70 1.39 1.55
C ALA B 178 26.09 1.93 1.90
N PRO B 179 26.31 3.25 1.72
CA PRO B 179 27.65 3.84 1.88
C PRO B 179 28.15 3.90 3.33
N ARG B 180 27.27 4.25 4.27
CA ARG B 180 27.63 4.39 5.68
C ARG B 180 27.78 3.05 6.45
N SER B 181 27.29 1.95 5.86
CA SER B 181 27.29 0.64 6.56
C SER B 181 27.17 -0.58 5.61
N ARG B 182 28.04 -1.57 5.84
CA ARG B 182 28.00 -2.84 5.12
C ARG B 182 27.15 -3.84 5.93
N PHE B 183 25.84 -3.60 5.96
CA PHE B 183 24.89 -4.40 6.74
C PHE B 183 24.29 -5.45 5.82
N ASP B 184 24.42 -6.72 6.20
CA ASP B 184 23.84 -7.83 5.43
C ASP B 184 22.58 -8.34 6.12
N PRO B 185 21.39 -8.17 5.49
CA PRO B 185 20.16 -8.69 6.09
C PRO B 185 20.00 -10.18 5.88
N ASP B 186 19.04 -10.78 6.59
CA ASP B 186 18.84 -12.23 6.55
C ASP B 186 17.70 -12.59 5.59
N TYR B 187 17.82 -12.14 4.34
CA TYR B 187 16.87 -12.51 3.28
C TYR B 187 17.52 -12.42 1.91
N ARG B 188 17.02 -13.21 0.98
CA ARG B 188 17.49 -13.20 -0.39
C ARG B 188 16.30 -13.24 -1.34
N PRO B 189 16.39 -12.69 -2.55
CA PRO B 189 17.59 -12.07 -3.11
C PRO B 189 17.86 -10.67 -2.57
N PHE B 190 19.10 -10.44 -2.16
CA PHE B 190 19.57 -9.14 -1.72
C PHE B 190 20.97 -8.96 -2.22
N GLU B 191 21.32 -7.72 -2.56
CA GLU B 191 22.69 -7.40 -2.98
C GLU B 191 22.98 -5.93 -2.72
N HIS B 192 24.23 -5.66 -2.31
CA HIS B 192 24.75 -4.29 -2.28
C HIS B 192 25.21 -3.87 -3.68
N VAL B 193 24.89 -2.65 -4.06
CA VAL B 193 25.27 -2.11 -5.36
C VAL B 193 25.79 -0.70 -5.24
N GLY B 194 26.60 -0.29 -6.20
CA GLY B 194 26.93 1.11 -6.38
C GLY B 194 25.69 1.90 -6.79
N LEU B 195 25.75 3.20 -6.62
CA LEU B 195 24.63 4.08 -6.91
C LEU B 195 24.20 4.05 -8.39
N ASP B 196 25.16 4.04 -9.30
CA ASP B 196 24.94 3.94 -10.76
C ASP B 196 24.14 2.67 -11.13
N GLU B 197 24.66 1.55 -10.64
CA GLU B 197 24.10 0.21 -10.84
C GLU B 197 22.68 0.09 -10.27
N LEU B 198 22.41 0.76 -9.14
CA LEU B 198 21.09 0.77 -8.54
C LEU B 198 20.07 1.32 -9.53
N PHE B 199 20.36 2.47 -10.13
CA PHE B 199 19.41 3.10 -11.08
C PHE B 199 19.18 2.31 -12.37
N THR B 200 20.21 1.63 -12.89
CA THR B 200 20.02 0.80 -14.09
C THR B 200 19.26 -0.51 -13.80
N SER B 201 19.31 -1.01 -12.56
CA SER B 201 18.71 -2.31 -12.21
C SER B 201 17.38 -2.26 -11.48
N ALA B 202 17.04 -1.13 -10.87
CA ALA B 202 15.83 -1.04 -10.02
C ALA B 202 14.61 -0.62 -10.80
N ASP B 203 13.51 -1.33 -10.55
CA ASP B 203 12.17 -0.95 -11.02
C ASP B 203 11.46 0.04 -10.09
N VAL B 204 11.79 0.01 -8.80
CA VAL B 204 11.27 0.97 -7.81
C VAL B 204 12.46 1.47 -7.02
N VAL B 205 12.58 2.79 -6.91
CA VAL B 205 13.66 3.40 -6.15
C VAL B 205 13.04 4.15 -4.99
N SER B 206 13.52 3.87 -3.77
CA SER B 206 13.09 4.59 -2.58
C SER B 206 14.27 5.26 -1.88
N LEU B 207 14.11 6.54 -1.55
CA LEU B 207 15.22 7.35 -0.98
C LEU B 207 15.18 7.40 0.55
N HIS B 208 16.33 7.10 1.17
CA HIS B 208 16.44 6.98 2.63
C HIS B 208 17.79 7.45 3.15
N CYS B 209 18.32 8.51 2.54
CA CYS B 209 19.66 9.01 2.86
C CYS B 209 19.60 10.46 3.32
N PRO B 210 20.60 10.91 4.10
CA PRO B 210 20.61 12.32 4.48
C PRO B 210 20.97 13.22 3.30
N LEU B 211 20.51 14.47 3.33
CA LEU B 211 20.88 15.46 2.33
C LEU B 211 22.24 16.05 2.72
N THR B 212 23.20 15.94 1.79
CA THR B 212 24.58 16.39 1.97
C THR B 212 25.01 16.99 0.64
N PRO B 213 26.23 17.58 0.60
CA PRO B 213 26.83 17.94 -0.70
C PRO B 213 26.84 16.77 -1.71
N GLU B 214 27.22 15.58 -1.26
CA GLU B 214 27.34 14.37 -2.11
C GLU B 214 26.02 13.88 -2.68
N THR B 215 24.93 14.05 -1.93
CA THR B 215 23.61 13.55 -2.35
C THR B 215 22.66 14.61 -2.90
N GLU B 216 23.00 15.90 -2.86
CA GLU B 216 22.14 16.92 -3.48
C GLU B 216 21.95 16.65 -4.98
N GLY B 217 20.69 16.62 -5.43
CA GLY B 217 20.38 16.37 -6.85
C GLY B 217 20.82 15.00 -7.36
N LEU B 218 20.75 14.01 -6.48
CA LEU B 218 21.11 12.62 -6.79
C LEU B 218 20.23 12.08 -7.91
N VAL B 219 18.93 12.27 -7.77
CA VAL B 219 17.97 11.90 -8.82
C VAL B 219 17.91 13.02 -9.85
N ASP B 220 18.83 12.95 -10.82
CA ASP B 220 18.95 13.96 -11.88
C ASP B 220 18.58 13.35 -13.22
N ALA B 221 18.51 14.20 -14.25
CA ALA B 221 18.15 13.77 -15.60
C ALA B 221 18.93 12.55 -16.09
N ARG B 222 20.24 12.49 -15.78
CA ARG B 222 21.13 11.39 -16.20
C ARG B 222 20.81 10.03 -15.57
N ARG B 223 20.59 10.01 -14.26
CA ARG B 223 20.21 8.77 -13.56
C ARG B 223 18.82 8.34 -13.97
N LEU B 224 17.92 9.31 -14.20
CA LEU B 224 16.57 9.01 -14.70
C LEU B 224 16.62 8.36 -16.08
N ALA B 225 17.43 8.91 -16.97
CA ALA B 225 17.64 8.33 -18.30
C ALA B 225 18.18 6.90 -18.26
N SER B 226 18.96 6.57 -17.22
CA SER B 226 19.50 5.22 -17.05
C SER B 226 18.45 4.18 -16.60
N MET B 227 17.31 4.64 -16.08
CA MET B 227 16.32 3.74 -15.53
C MET B 227 15.50 3.10 -16.63
N ARG B 228 14.95 1.95 -16.30
CA ARG B 228 14.03 1.26 -17.18
C ARG B 228 12.73 2.04 -17.28
N PRO B 229 12.14 2.11 -18.49
CA PRO B 229 10.86 2.80 -18.59
C PRO B 229 9.80 2.04 -17.81
N GLY B 230 8.88 2.78 -17.18
CA GLY B 230 7.88 2.18 -16.32
C GLY B 230 8.30 2.06 -14.85
N SER B 231 9.37 2.73 -14.46
CA SER B 231 9.87 2.67 -13.08
C SER B 231 9.14 3.62 -12.13
N TYR B 232 9.28 3.35 -10.83
CA TYR B 232 8.63 4.15 -9.78
C TYR B 232 9.67 4.79 -8.86
N LEU B 233 9.41 6.04 -8.45
CA LEU B 233 10.26 6.78 -7.50
C LEU B 233 9.49 7.14 -6.23
N ILE B 234 10.06 6.88 -5.06
CA ILE B 234 9.43 7.19 -3.77
C ILE B 234 10.42 8.00 -2.97
N ASN B 235 9.96 9.10 -2.37
CA ASN B 235 10.82 9.95 -1.55
C ASN B 235 10.12 10.42 -0.28
N THR B 236 10.47 9.80 0.84
CA THR B 236 10.03 10.24 2.15
C THR B 236 11.18 10.87 2.95
N ALA B 237 12.29 11.15 2.29
CA ALA B 237 13.52 11.60 2.94
C ALA B 237 13.70 13.13 2.90
N ARG B 238 14.33 13.67 1.85
CA ARG B 238 14.58 15.11 1.73
C ARG B 238 14.35 15.54 0.29
N GLY B 239 13.58 16.62 0.13
CA GLY B 239 13.25 17.16 -1.19
C GLY B 239 14.39 17.41 -2.15
N PRO B 240 15.43 18.14 -1.71
CA PRO B 240 16.58 18.44 -2.60
C PRO B 240 17.43 17.25 -3.05
N LEU B 241 17.10 16.02 -2.61
CA LEU B 241 17.66 14.83 -3.22
C LEU B 241 17.30 14.68 -4.73
N LEU B 242 16.21 15.32 -5.15
CA LEU B 242 15.75 15.27 -6.55
C LEU B 242 15.97 16.57 -7.29
N ASP B 243 16.18 16.49 -8.60
CA ASP B 243 15.96 17.61 -9.51
C ASP B 243 14.48 17.52 -9.90
N GLU B 244 13.67 18.39 -9.30
CA GLU B 244 12.20 18.36 -9.47
C GLU B 244 11.74 18.49 -10.93
N ARG B 245 12.49 19.28 -11.70
CA ARG B 245 12.20 19.47 -13.13
C ARG B 245 12.36 18.17 -13.91
N ALA B 246 13.51 17.53 -13.75
CA ALA B 246 13.81 16.27 -14.45
C ALA B 246 12.79 15.18 -14.12
N VAL B 247 12.36 15.14 -12.87
CA VAL B 247 11.38 14.15 -12.41
C VAL B 247 10.00 14.43 -13.04
N ALA B 248 9.59 15.68 -13.08
CA ALA B 248 8.33 16.02 -13.75
C ALA B 248 8.34 15.58 -15.21
N GLU B 249 9.41 15.91 -15.93
CA GLU B 249 9.59 15.52 -17.33
C GLU B 249 9.62 14.00 -17.50
N ALA B 250 10.24 13.28 -16.57
CA ALA B 250 10.27 11.80 -16.61
C ALA B 250 8.89 11.17 -16.40
N LEU B 251 8.08 11.79 -15.54
CA LEU B 251 6.71 11.36 -15.35
C LEU B 251 5.91 11.60 -16.63
N ASP B 252 5.99 12.80 -17.19
CA ASP B 252 5.23 13.13 -18.41
C ASP B 252 5.66 12.30 -19.64
N SER B 253 6.95 11.97 -19.74
CA SER B 253 7.47 11.13 -20.83
C SER B 253 7.15 9.63 -20.70
N GLY B 254 6.88 9.16 -19.48
CA GLY B 254 6.62 7.74 -19.22
C GLY B 254 7.84 6.96 -18.72
N ARG B 255 8.97 7.66 -18.54
CA ARG B 255 10.16 7.06 -17.96
C ARG B 255 9.82 6.54 -16.57
N LEU B 256 9.25 7.42 -15.77
CA LEU B 256 8.65 7.06 -14.50
C LEU B 256 7.18 6.81 -14.72
N ALA B 257 6.73 5.62 -14.37
CA ALA B 257 5.32 5.28 -14.32
C ALA B 257 4.62 5.97 -13.16
N GLY B 258 5.39 6.40 -12.15
CA GLY B 258 4.80 7.04 -10.99
C GLY B 258 5.80 7.56 -9.98
N ALA B 259 5.38 8.54 -9.18
CA ALA B 259 6.20 9.08 -8.13
C ALA B 259 5.35 9.34 -6.90
N GLY B 260 5.89 9.00 -5.73
CA GLY B 260 5.23 9.12 -4.44
C GLY B 260 6.10 9.95 -3.53
N LEU B 261 5.62 11.13 -3.16
CA LEU B 261 6.48 12.13 -2.51
C LEU B 261 5.85 12.61 -1.23
N ASP B 262 6.54 12.45 -0.11
CA ASP B 262 6.11 13.01 1.14
C ASP B 262 6.86 14.32 1.49
N VAL B 263 7.85 14.68 0.68
CA VAL B 263 8.63 15.87 0.89
C VAL B 263 8.87 16.51 -0.46
N LEU B 264 9.15 17.81 -0.43
CA LEU B 264 9.47 18.63 -1.59
C LEU B 264 10.55 19.66 -1.21
N SER B 265 11.23 20.21 -2.20
CA SER B 265 12.31 21.17 -1.96
C SER B 265 11.79 22.48 -1.35
N GLN B 266 10.58 22.86 -1.74
CA GLN B 266 9.83 23.98 -1.16
C GLN B 266 8.57 23.44 -0.46
N GLU B 267 8.50 23.60 0.86
CA GLU B 267 7.34 23.18 1.64
C GLU B 267 6.78 24.38 2.43
N PRO B 268 5.53 24.81 2.20
CA PRO B 268 4.60 24.22 1.24
C PRO B 268 4.92 24.56 -0.22
N PRO B 269 4.41 23.76 -1.17
CA PRO B 269 4.71 23.99 -2.58
C PRO B 269 3.95 25.15 -3.21
N ALA B 270 4.48 25.60 -4.35
CA ALA B 270 3.81 26.53 -5.24
C ALA B 270 2.74 25.82 -6.02
N ALA B 271 1.75 26.54 -6.51
CA ALA B 271 0.75 25.95 -7.43
C ALA B 271 1.41 25.48 -8.74
N ASP B 272 2.42 26.24 -9.21
CA ASP B 272 3.12 25.94 -10.47
C ASP B 272 4.43 25.12 -10.31
N ASN B 273 4.69 24.57 -9.11
CA ASN B 273 5.72 23.52 -8.92
C ASN B 273 5.45 22.45 -9.95
N PRO B 274 6.47 22.05 -10.75
CA PRO B 274 6.20 21.12 -11.84
C PRO B 274 5.66 19.75 -11.37
N LEU B 275 5.98 19.35 -10.14
CA LEU B 275 5.48 18.09 -9.59
C LEU B 275 3.97 18.07 -9.27
N LEU B 276 3.36 19.24 -9.12
CA LEU B 276 1.89 19.34 -8.93
C LEU B 276 1.08 19.31 -10.24
N SER B 277 1.75 19.51 -11.37
CA SER B 277 1.13 19.42 -12.70
C SER B 277 1.46 18.11 -13.42
N ALA B 278 2.32 17.29 -12.83
CA ALA B 278 2.79 16.06 -13.47
C ALA B 278 1.77 14.95 -13.28
N LYS B 279 1.59 14.13 -14.32
CA LYS B 279 0.76 12.94 -14.24
C LYS B 279 1.41 11.87 -13.34
N ASN B 280 0.56 10.98 -12.81
CA ASN B 280 0.99 9.85 -11.97
C ASN B 280 1.87 10.23 -10.78
N CYS B 281 1.62 11.40 -10.20
CA CYS B 281 2.38 11.86 -9.06
C CYS B 281 1.47 11.88 -7.84
N LEU B 282 1.87 11.16 -6.79
CA LEU B 282 1.17 11.20 -5.50
C LEU B 282 1.99 11.99 -4.46
N ILE B 283 1.36 12.96 -3.81
CA ILE B 283 2.05 13.82 -2.84
C ILE B 283 1.32 13.85 -1.51
N THR B 284 2.05 13.71 -0.41
CA THR B 284 1.49 13.81 0.94
C THR B 284 2.28 14.87 1.73
N PRO B 285 1.63 15.57 2.70
CA PRO B 285 2.24 16.74 3.32
C PRO B 285 3.20 16.46 4.48
N HIS B 286 4.34 15.84 4.17
CA HIS B 286 5.40 15.60 5.17
C HIS B 286 4.87 14.96 6.46
N LEU B 287 4.15 13.85 6.30
CA LEU B 287 3.49 13.18 7.42
C LEU B 287 3.88 11.70 7.53
N ALA B 288 4.93 11.28 6.83
CA ALA B 288 5.32 9.86 6.84
C ALA B 288 5.70 9.39 8.24
N TRP B 289 6.37 10.29 8.95
CA TRP B 289 6.86 10.11 10.33
C TRP B 289 5.78 10.04 11.41
N ALA B 290 4.54 10.35 11.05
CA ALA B 290 3.57 10.86 12.02
C ALA B 290 2.46 9.90 12.47
N SER B 291 2.70 8.60 12.48
CA SER B 291 1.71 7.67 13.05
C SER B 291 1.55 7.92 14.54
N ARG B 292 0.36 7.63 15.07
CA ARG B 292 0.12 7.84 16.51
C ARG B 292 1.11 7.05 17.36
N THR B 293 1.47 5.84 16.93
CA THR B 293 2.49 5.03 17.57
C THR B 293 3.87 5.67 17.59
N ALA B 294 4.28 6.25 16.46
CA ALA B 294 5.61 6.86 16.35
C ALA B 294 5.70 8.13 17.20
N ARG B 295 4.65 8.92 17.22
CA ARG B 295 4.62 10.13 18.04
C ARG B 295 4.63 9.79 19.53
N ARG B 296 3.93 8.72 19.90
CA ARG B 296 3.97 8.18 21.25
C ARG B 296 5.42 7.76 21.64
N THR B 297 6.11 7.12 20.72
CA THR B 297 7.49 6.68 20.92
C THR B 297 8.44 7.88 21.02
N LEU B 298 8.24 8.84 20.10
CA LEU B 298 8.95 10.12 20.10
C LEU B 298 8.80 10.87 21.44
N MET B 299 7.60 10.84 22.03
CA MET B 299 7.35 11.46 23.31
C MET B 299 8.17 10.79 24.40
N ASP B 300 8.12 9.46 24.46
CA ASP B 300 8.88 8.68 25.45
C ASP B 300 10.39 8.89 25.34
N SER B 301 10.90 8.85 24.12
CA SER B 301 12.34 9.05 23.86
C SER B 301 12.79 10.46 24.21
N THR B 302 11.94 11.45 23.97
CA THR B 302 12.18 12.81 24.42
C THR B 302 12.24 12.91 25.96
N ALA B 303 11.33 12.21 26.66
CA ALA B 303 11.40 12.14 28.13
C ALA B 303 12.69 11.47 28.60
N ALA B 304 13.11 10.42 27.91
CA ALA B 304 14.38 9.73 28.21
C ALA B 304 15.60 10.63 28.05
N ASN B 305 15.64 11.41 26.97
CA ASN B 305 16.68 12.42 26.73
C ASN B 305 16.78 13.45 27.86
N ILE B 306 15.63 13.96 28.29
CA ILE B 306 15.55 14.95 29.38
C ILE B 306 15.96 14.31 30.71
N ARG B 307 15.45 13.11 30.97
CA ARG B 307 15.80 12.34 32.18
C ARG B 307 17.31 12.13 32.25
N SER B 308 17.91 11.73 31.14
CA SER B 308 19.37 11.55 31.05
C SER B 308 20.17 12.82 31.26
N PHE B 309 19.69 13.94 30.71
CA PHE B 309 20.34 15.23 30.93
C PHE B 309 20.34 15.59 32.41
N ILE B 310 19.20 15.40 33.07
CA ILE B 310 19.08 15.63 34.52
C ILE B 310 20.02 14.71 35.31
N GLU B 311 20.09 13.44 34.93
CA GLU B 311 21.00 12.47 35.58
C GLU B 311 22.50 12.71 35.29
N GLY B 312 22.82 13.69 34.45
CA GLY B 312 24.21 14.12 34.21
C GLY B 312 24.91 13.42 33.05
N THR B 313 24.25 12.43 32.43
CA THR B 313 24.79 11.62 31.33
C THR B 313 23.88 11.71 30.09
N PRO B 314 23.94 12.84 29.33
CA PRO B 314 22.99 13.06 28.24
C PRO B 314 23.16 12.07 27.08
N VAL B 315 22.05 11.62 26.53
CA VAL B 315 22.03 10.59 25.50
C VAL B 315 21.61 11.23 24.15
N ASN B 316 21.98 10.59 23.05
CA ASN B 316 21.65 11.03 21.68
C ASN B 316 22.17 12.44 21.38
N VAL B 317 23.35 12.75 21.89
CA VAL B 317 23.90 14.09 21.72
C VAL B 317 24.42 14.22 20.29
N VAL B 318 23.95 15.24 19.57
CA VAL B 318 24.35 15.48 18.17
C VAL B 318 25.42 16.57 18.01
N ASN B 319 25.88 17.19 19.10
CA ASN B 319 26.93 18.21 19.05
C ASN B 319 28.07 17.96 20.06
N ALA B 320 28.43 16.69 20.25
CA ALA B 320 29.46 16.29 21.21
C ALA B 320 30.85 16.90 20.90
N ALA B 321 31.16 16.98 19.61
CA ALA B 321 32.40 17.61 19.14
C ALA B 321 32.54 19.10 19.51
N HIS B 322 31.43 19.83 19.65
CA HIS B 322 31.45 21.26 19.98
C HIS B 322 31.32 21.64 21.45
N LEU B 323 30.96 20.69 22.34
CA LEU B 323 30.85 21.00 23.78
C LEU B 323 32.19 21.25 24.46
C1 PEG C . -7.14 16.68 12.81
O1 PEG C . -6.96 17.69 11.81
C2 PEG C . -5.88 15.83 12.95
O2 PEG C . -4.81 16.57 13.57
C3 PEG C . -3.87 17.13 12.64
C4 PEG C . -2.60 17.67 13.32
O4 PEG C . -1.78 18.37 12.37
C1 PEG D . -9.89 11.32 -7.72
O1 PEG D . -10.22 12.41 -8.57
C2 PEG D . -10.36 11.58 -6.29
O2 PEG D . -9.46 10.99 -5.35
C3 PEG D . -9.42 11.64 -4.08
C4 PEG D . -10.15 10.83 -3.01
O4 PEG D . -10.93 11.68 -2.17
C1 PGE E . -8.27 3.95 -18.68
O1 PGE E . -9.70 3.80 -18.68
C2 PGE E . -7.54 2.61 -18.49
O2 PGE E . -8.28 1.53 -19.08
C3 PGE E . -7.48 0.34 -19.20
C4 PGE E . -8.37 -0.86 -19.50
O4 PGE E . -12.12 -0.71 -18.04
C6 PGE E . -11.41 -1.94 -17.76
C5 PGE E . -10.19 -2.09 -18.65
O3 PGE E . -9.55 -0.82 -18.71
#